data_1EFM
# 
_entry.id   1EFM 
# 
_audit_conform.dict_name       mmcif_pdbx.dic 
_audit_conform.dict_version    5.385 
_audit_conform.dict_location   http://mmcif.pdb.org/dictionaries/ascii/mmcif_pdbx.dic 
# 
loop_
_database_2.database_id 
_database_2.database_code 
_database_2.pdbx_database_accession 
_database_2.pdbx_DOI 
PDB   1EFM         pdb_00001efm 10.2210/pdb1efm/pdb 
WWPDB D_1000173034 ?            ?                   
# 
loop_
_pdbx_audit_revision_history.ordinal 
_pdbx_audit_revision_history.data_content_type 
_pdbx_audit_revision_history.major_revision 
_pdbx_audit_revision_history.minor_revision 
_pdbx_audit_revision_history.revision_date 
1 'Structure model' 1 0 1987-07-16 
2 'Structure model' 1 1 2008-03-10 
3 'Structure model' 1 2 2011-07-13 
4 'Structure model' 1 3 2024-02-07 
# 
_pdbx_audit_revision_details.ordinal             1 
_pdbx_audit_revision_details.revision_ordinal    1 
_pdbx_audit_revision_details.data_content_type   'Structure model' 
_pdbx_audit_revision_details.provider            repository 
_pdbx_audit_revision_details.type                'Initial release' 
_pdbx_audit_revision_details.description         ? 
_pdbx_audit_revision_details.details             ? 
# 
loop_
_pdbx_audit_revision_group.ordinal 
_pdbx_audit_revision_group.revision_ordinal 
_pdbx_audit_revision_group.data_content_type 
_pdbx_audit_revision_group.group 
1 2 'Structure model' 'Version format compliance' 
2 3 'Structure model' 'Version format compliance' 
3 4 'Structure model' 'Data collection'           
4 4 'Structure model' 'Database references'       
5 4 'Structure model' 'Derived calculations'      
6 4 'Structure model' Other                       
# 
loop_
_pdbx_audit_revision_category.ordinal 
_pdbx_audit_revision_category.revision_ordinal 
_pdbx_audit_revision_category.data_content_type 
_pdbx_audit_revision_category.category 
1 4 'Structure model' chem_comp_atom       
2 4 'Structure model' chem_comp_bond       
3 4 'Structure model' database_2           
4 4 'Structure model' pdbx_database_status 
5 4 'Structure model' struct_ref_seq_dif   
6 4 'Structure model' struct_site          
# 
loop_
_pdbx_audit_revision_item.ordinal 
_pdbx_audit_revision_item.revision_ordinal 
_pdbx_audit_revision_item.data_content_type 
_pdbx_audit_revision_item.item 
1 4 'Structure model' '_database_2.pdbx_DOI'                
2 4 'Structure model' '_database_2.pdbx_database_accession' 
3 4 'Structure model' '_pdbx_database_status.process_site'  
4 4 'Structure model' '_struct_ref_seq_dif.details'         
5 4 'Structure model' '_struct_site.pdbx_auth_asym_id'      
6 4 'Structure model' '_struct_site.pdbx_auth_comp_id'      
7 4 'Structure model' '_struct_site.pdbx_auth_seq_id'       
# 
_pdbx_database_status.status_code                     REL 
_pdbx_database_status.entry_id                        1EFM 
_pdbx_database_status.recvd_initial_deposition_date   1987-05-29 
_pdbx_database_status.deposit_site                    ? 
_pdbx_database_status.process_site                    BNL 
_pdbx_database_status.SG_entry                        . 
_pdbx_database_status.pdb_format_compatible           Y 
_pdbx_database_status.status_code_mr                  ? 
_pdbx_database_status.status_code_sf                  ? 
_pdbx_database_status.status_code_cs                  ? 
_pdbx_database_status.status_code_nmr_data            ? 
_pdbx_database_status.methods_development_category    ? 
# 
_audit_author.name           'Jurnak, F.' 
_audit_author.pdbx_ordinal   1 
# 
loop_
_citation.id 
_citation.title 
_citation.journal_abbrev 
_citation.journal_volume 
_citation.page_first 
_citation.page_last 
_citation.year 
_citation.journal_id_ASTM 
_citation.country 
_citation.journal_id_ISSN 
_citation.journal_id_CSD 
_citation.book_publisher 
_citation.pdbx_database_id_PubMed 
_citation.pdbx_database_id_DOI 
primary 'Structure of the GDP domain of EF-Tu and location of the amino acids homologous to ras oncogene proteins.' Science 230 32 
36 1985 SCIEAS US 0036-8075 0038 ? 3898365 ? 
1       
'Biochemical and Structural Studies of the Tetragonal Crystalline Modification of the Escherichia Coli Elongation Factor TU' 
J.Biol.Chem.           255 6751 ?  1980 JBCHA3 US 0021-9258 0071 ? ?       ? 
2       'Preliminary X-Ray Diffraction Data for Tetragonal Crystals of Trypsinized Escherichia Coli Elongation Factor' J.Mol.Biol. 
115 103  ?  1977 JMOBAK UK 0022-2836 0070 ? ?       ? 
3       'Primary Structure of Elongation Factor TU from Escherichia Coli' Proc.Natl.Acad.Sci.USA 77  1326 ?  1980 PNASA6 US 
0027-8424 0040 ? ?       ? 
# 
loop_
_citation_author.citation_id 
_citation_author.name 
_citation_author.ordinal 
_citation_author.identifier_ORCID 
primary 'Jurnak, F.'     1  ? 
1       'Jurnak, F.'     2  ? 
1       'McPherson, A.'  3  ? 
1       'Wang, A.H.J.'   4  ? 
1       'Rich, A.'       5  ? 
2       'Jurnak, F.'     6  ? 
2       'Rich, A.'       7  ? 
2       'Miller, D.'     8  ? 
3       'Arai, K.'       9  ? 
3       'Clark, B.F.C.'  10 ? 
3       'Duffy, L.'      11 ? 
3       'Jones, M.D.'    12 ? 
3       'Kaziro, Y.'     13 ? 
3       'Laursen, R.A.'  14 ? 
3       
;L'Italien, J.
;
15 ? 
3       'Miller, D.L.'   16 ? 
3       'Nagarkatti, S.' 17 ? 
3       'Nakamura, S.'   18 ? 
3       'Nielsen, K.M.'  19 ? 
3       'Petersen, T.E.' 20 ? 
3       'Takahashi, K.'  21 ? 
3       'Wade, M.'       22 ? 
# 
loop_
_entity.id 
_entity.type 
_entity.src_method 
_entity.pdbx_description 
_entity.formula_weight 
_entity.pdbx_number_of_molecules 
_entity.pdbx_ec 
_entity.pdbx_mutation 
_entity.pdbx_fragment 
_entity.details 
1 polymer     man 'ELONGATION FACTOR TU'     41651.613 1 ? ? ? ? 
2 non-polymer syn 'MAGNESIUM ION'            24.305    1 ? ? ? ? 
3 non-polymer syn "GUANOSINE-5'-DIPHOSPHATE" 443.201   1 ? ? ? ? 
# 
_entity_poly.entity_id                      1 
_entity_poly.type                           'polypeptide(L)' 
_entity_poly.nstd_linkage                   no 
_entity_poly.nstd_monomer                   no 
_entity_poly.pdbx_seq_one_letter_code       
;SKEKFERTKPHVNVGTIGHVDHGKTTLTAAITTVLAKTYGGAARGITINTSHVEYDTPTRHYAHVDCPGHADYVKNMITG
AAQMDGAILVVAATDGPMPQTREHILLGRQVGVPYIIVFLNKCDMVDDEELLELVEMEVRELLSQYDFPGDDTPIVRGSA
LKALEGDAEWEAKILELAGFLDSYIPEPERAIDKPFLLPIEDVFSISGRGTVVTGRVERGIIKVGEEVEIVGIKETQKST
CTGVEMFRKLLDEGRAGENVGVLLRGIKREEIERGQVLAKPGTIKPHTKFESEVYILSKDEGGRHTPFFKGYRPQFYFRT
TDVTGTIELPEGVEMVMPGDNIKMVVTLIHPIAMDDGLRFAIREGGRTVGAGVVAKVLS
;
_entity_poly.pdbx_seq_one_letter_code_can   
;SKEKFERTKPHVNVGTIGHVDHGKTTLTAAITTVLAKTYGGAARGITINTSHVEYDTPTRHYAHVDCPGHADYVKNMITG
AAQMDGAILVVAATDGPMPQTREHILLGRQVGVPYIIVFLNKCDMVDDEELLELVEMEVRELLSQYDFPGDDTPIVRGSA
LKALEGDAEWEAKILELAGFLDSYIPEPERAIDKPFLLPIEDVFSISGRGTVVTGRVERGIIKVGEEVEIVGIKETQKST
CTGVEMFRKLLDEGRAGENVGVLLRGIKREEIERGQVLAKPGTIKPHTKFESEVYILSKDEGGRHTPFFKGYRPQFYFRT
TDVTGTIELPEGVEMVMPGDNIKMVVTLIHPIAMDDGLRFAIREGGRTVGAGVVAKVLS
;
_entity_poly.pdbx_strand_id                 A 
_entity_poly.pdbx_target_identifier         ? 
# 
loop_
_pdbx_entity_nonpoly.entity_id 
_pdbx_entity_nonpoly.name 
_pdbx_entity_nonpoly.comp_id 
2 'MAGNESIUM ION'            MG  
3 "GUANOSINE-5'-DIPHOSPHATE" GDP 
# 
loop_
_entity_poly_seq.entity_id 
_entity_poly_seq.num 
_entity_poly_seq.mon_id 
_entity_poly_seq.hetero 
1 1   SER n 
1 2   LYS n 
1 3   GLU n 
1 4   LYS n 
1 5   PHE n 
1 6   GLU n 
1 7   ARG n 
1 8   THR n 
1 9   LYS n 
1 10  PRO n 
1 11  HIS n 
1 12  VAL n 
1 13  ASN n 
1 14  VAL n 
1 15  GLY n 
1 16  THR n 
1 17  ILE n 
1 18  GLY n 
1 19  HIS n 
1 20  VAL n 
1 21  ASP n 
1 22  HIS n 
1 23  GLY n 
1 24  LYS n 
1 25  THR n 
1 26  THR n 
1 27  LEU n 
1 28  THR n 
1 29  ALA n 
1 30  ALA n 
1 31  ILE n 
1 32  THR n 
1 33  THR n 
1 34  VAL n 
1 35  LEU n 
1 36  ALA n 
1 37  LYS n 
1 38  THR n 
1 39  TYR n 
1 40  GLY n 
1 41  GLY n 
1 42  ALA n 
1 43  ALA n 
1 44  ARG n 
1 45  GLY n 
1 46  ILE n 
1 47  THR n 
1 48  ILE n 
1 49  ASN n 
1 50  THR n 
1 51  SER n 
1 52  HIS n 
1 53  VAL n 
1 54  GLU n 
1 55  TYR n 
1 56  ASP n 
1 57  THR n 
1 58  PRO n 
1 59  THR n 
1 60  ARG n 
1 61  HIS n 
1 62  TYR n 
1 63  ALA n 
1 64  HIS n 
1 65  VAL n 
1 66  ASP n 
1 67  CYS n 
1 68  PRO n 
1 69  GLY n 
1 70  HIS n 
1 71  ALA n 
1 72  ASP n 
1 73  TYR n 
1 74  VAL n 
1 75  LYS n 
1 76  ASN n 
1 77  MET n 
1 78  ILE n 
1 79  THR n 
1 80  GLY n 
1 81  ALA n 
1 82  ALA n 
1 83  GLN n 
1 84  MET n 
1 85  ASP n 
1 86  GLY n 
1 87  ALA n 
1 88  ILE n 
1 89  LEU n 
1 90  VAL n 
1 91  VAL n 
1 92  ALA n 
1 93  ALA n 
1 94  THR n 
1 95  ASP n 
1 96  GLY n 
1 97  PRO n 
1 98  MET n 
1 99  PRO n 
1 100 GLN n 
1 101 THR n 
1 102 ARG n 
1 103 GLU n 
1 104 HIS n 
1 105 ILE n 
1 106 LEU n 
1 107 LEU n 
1 108 GLY n 
1 109 ARG n 
1 110 GLN n 
1 111 VAL n 
1 112 GLY n 
1 113 VAL n 
1 114 PRO n 
1 115 TYR n 
1 116 ILE n 
1 117 ILE n 
1 118 VAL n 
1 119 PHE n 
1 120 LEU n 
1 121 ASN n 
1 122 LYS n 
1 123 CYS n 
1 124 ASP n 
1 125 MET n 
1 126 VAL n 
1 127 ASP n 
1 128 ASP n 
1 129 GLU n 
1 130 GLU n 
1 131 LEU n 
1 132 LEU n 
1 133 GLU n 
1 134 LEU n 
1 135 VAL n 
1 136 GLU n 
1 137 MET n 
1 138 GLU n 
1 139 VAL n 
1 140 ARG n 
1 141 GLU n 
1 142 LEU n 
1 143 LEU n 
1 144 SER n 
1 145 GLN n 
1 146 TYR n 
1 147 ASP n 
1 148 PHE n 
1 149 PRO n 
1 150 GLY n 
1 151 ASP n 
1 152 ASP n 
1 153 THR n 
1 154 PRO n 
1 155 ILE n 
1 156 VAL n 
1 157 ARG n 
1 158 GLY n 
1 159 SER n 
1 160 ALA n 
1 161 LEU n 
1 162 LYS n 
1 163 ALA n 
1 164 LEU n 
1 165 GLU n 
1 166 GLY n 
1 167 ASP n 
1 168 ALA n 
1 169 GLU n 
1 170 TRP n 
1 171 GLU n 
1 172 ALA n 
1 173 LYS n 
1 174 ILE n 
1 175 LEU n 
1 176 GLU n 
1 177 LEU n 
1 178 ALA n 
1 179 GLY n 
1 180 PHE n 
1 181 LEU n 
1 182 ASP n 
1 183 SER n 
1 184 TYR n 
1 185 ILE n 
1 186 PRO n 
1 187 GLU n 
1 188 PRO n 
1 189 GLU n 
1 190 ARG n 
1 191 ALA n 
1 192 ILE n 
1 193 ASP n 
1 194 LYS n 
1 195 PRO n 
1 196 PHE n 
1 197 LEU n 
1 198 LEU n 
1 199 PRO n 
1 200 ILE n 
1 201 GLU n 
1 202 ASP n 
1 203 VAL n 
1 204 PHE n 
1 205 SER n 
1 206 ILE n 
1 207 SER n 
1 208 GLY n 
1 209 ARG n 
1 210 GLY n 
1 211 THR n 
1 212 VAL n 
1 213 VAL n 
1 214 THR n 
1 215 GLY n 
1 216 ARG n 
1 217 VAL n 
1 218 GLU n 
1 219 ARG n 
1 220 GLY n 
1 221 ILE n 
1 222 ILE n 
1 223 LYS n 
1 224 VAL n 
1 225 GLY n 
1 226 GLU n 
1 227 GLU n 
1 228 VAL n 
1 229 GLU n 
1 230 ILE n 
1 231 VAL n 
1 232 GLY n 
1 233 ILE n 
1 234 LYS n 
1 235 GLU n 
1 236 THR n 
1 237 GLN n 
1 238 LYS n 
1 239 SER n 
1 240 THR n 
1 241 CYS n 
1 242 THR n 
1 243 GLY n 
1 244 VAL n 
1 245 GLU n 
1 246 MET n 
1 247 PHE n 
1 248 ARG n 
1 249 LYS n 
1 250 LEU n 
1 251 LEU n 
1 252 ASP n 
1 253 GLU n 
1 254 GLY n 
1 255 ARG n 
1 256 ALA n 
1 257 GLY n 
1 258 GLU n 
1 259 ASN n 
1 260 VAL n 
1 261 GLY n 
1 262 VAL n 
1 263 LEU n 
1 264 LEU n 
1 265 ARG n 
1 266 GLY n 
1 267 ILE n 
1 268 LYS n 
1 269 ARG n 
1 270 GLU n 
1 271 GLU n 
1 272 ILE n 
1 273 GLU n 
1 274 ARG n 
1 275 GLY n 
1 276 GLN n 
1 277 VAL n 
1 278 LEU n 
1 279 ALA n 
1 280 LYS n 
1 281 PRO n 
1 282 GLY n 
1 283 THR n 
1 284 ILE n 
1 285 LYS n 
1 286 PRO n 
1 287 HIS n 
1 288 THR n 
1 289 LYS n 
1 290 PHE n 
1 291 GLU n 
1 292 SER n 
1 293 GLU n 
1 294 VAL n 
1 295 TYR n 
1 296 ILE n 
1 297 LEU n 
1 298 SER n 
1 299 LYS n 
1 300 ASP n 
1 301 GLU n 
1 302 GLY n 
1 303 GLY n 
1 304 ARG n 
1 305 HIS n 
1 306 THR n 
1 307 PRO n 
1 308 PHE n 
1 309 PHE n 
1 310 LYS n 
1 311 GLY n 
1 312 TYR n 
1 313 ARG n 
1 314 PRO n 
1 315 GLN n 
1 316 PHE n 
1 317 TYR n 
1 318 PHE n 
1 319 ARG n 
1 320 THR n 
1 321 THR n 
1 322 ASP n 
1 323 VAL n 
1 324 THR n 
1 325 GLY n 
1 326 THR n 
1 327 ILE n 
1 328 GLU n 
1 329 LEU n 
1 330 PRO n 
1 331 GLU n 
1 332 GLY n 
1 333 VAL n 
1 334 GLU n 
1 335 MET n 
1 336 VAL n 
1 337 MET n 
1 338 PRO n 
1 339 GLY n 
1 340 ASP n 
1 341 ASN n 
1 342 ILE n 
1 343 LYS n 
1 344 MET n 
1 345 VAL n 
1 346 VAL n 
1 347 THR n 
1 348 LEU n 
1 349 ILE n 
1 350 HIS n 
1 351 PRO n 
1 352 ILE n 
1 353 ALA n 
1 354 MET n 
1 355 ASP n 
1 356 ASP n 
1 357 GLY n 
1 358 LEU n 
1 359 ARG n 
1 360 PHE n 
1 361 ALA n 
1 362 ILE n 
1 363 ARG n 
1 364 GLU n 
1 365 GLY n 
1 366 GLY n 
1 367 ARG n 
1 368 THR n 
1 369 VAL n 
1 370 GLY n 
1 371 ALA n 
1 372 GLY n 
1 373 VAL n 
1 374 VAL n 
1 375 ALA n 
1 376 LYS n 
1 377 VAL n 
1 378 LEU n 
1 379 SER n 
# 
_entity_src_gen.entity_id                          1 
_entity_src_gen.pdbx_src_id                        1 
_entity_src_gen.pdbx_alt_source_flag               sample 
_entity_src_gen.pdbx_seq_type                      ? 
_entity_src_gen.pdbx_beg_seq_num                   ? 
_entity_src_gen.pdbx_end_seq_num                   ? 
_entity_src_gen.gene_src_common_name               ? 
_entity_src_gen.gene_src_genus                     Escherichia 
_entity_src_gen.pdbx_gene_src_gene                 ? 
_entity_src_gen.gene_src_species                   ? 
_entity_src_gen.gene_src_strain                    ? 
_entity_src_gen.gene_src_tissue                    ? 
_entity_src_gen.gene_src_tissue_fraction           ? 
_entity_src_gen.gene_src_details                   ? 
_entity_src_gen.pdbx_gene_src_fragment             ? 
_entity_src_gen.pdbx_gene_src_scientific_name      'Escherichia coli' 
_entity_src_gen.pdbx_gene_src_ncbi_taxonomy_id     562 
_entity_src_gen.pdbx_gene_src_variant              ? 
_entity_src_gen.pdbx_gene_src_cell_line            ? 
_entity_src_gen.pdbx_gene_src_atcc                 ? 
_entity_src_gen.pdbx_gene_src_organ                ? 
_entity_src_gen.pdbx_gene_src_organelle            ? 
_entity_src_gen.pdbx_gene_src_cell                 ? 
_entity_src_gen.pdbx_gene_src_cellular_location    ? 
_entity_src_gen.host_org_common_name               ? 
_entity_src_gen.pdbx_host_org_scientific_name      ? 
_entity_src_gen.pdbx_host_org_ncbi_taxonomy_id     ? 
_entity_src_gen.host_org_genus                     ? 
_entity_src_gen.pdbx_host_org_gene                 ? 
_entity_src_gen.pdbx_host_org_organ                ? 
_entity_src_gen.host_org_species                   ? 
_entity_src_gen.pdbx_host_org_tissue               ? 
_entity_src_gen.pdbx_host_org_tissue_fraction      ? 
_entity_src_gen.pdbx_host_org_strain               ? 
_entity_src_gen.pdbx_host_org_variant              ? 
_entity_src_gen.pdbx_host_org_cell_line            ? 
_entity_src_gen.pdbx_host_org_atcc                 ? 
_entity_src_gen.pdbx_host_org_culture_collection   ? 
_entity_src_gen.pdbx_host_org_cell                 ? 
_entity_src_gen.pdbx_host_org_organelle            ? 
_entity_src_gen.pdbx_host_org_cellular_location    ? 
_entity_src_gen.pdbx_host_org_vector_type          ? 
_entity_src_gen.pdbx_host_org_vector               ? 
_entity_src_gen.host_org_details                   ? 
_entity_src_gen.expression_system_id               ? 
_entity_src_gen.plasmid_name                       ? 
_entity_src_gen.plasmid_details                    ? 
_entity_src_gen.pdbx_description                   ? 
# 
loop_
_chem_comp.id 
_chem_comp.type 
_chem_comp.mon_nstd_flag 
_chem_comp.name 
_chem_comp.pdbx_synonyms 
_chem_comp.formula 
_chem_comp.formula_weight 
ALA 'L-peptide linking' y ALANINE                    ? 'C3 H7 N O2'        89.093  
ARG 'L-peptide linking' y ARGININE                   ? 'C6 H15 N4 O2 1'    175.209 
ASN 'L-peptide linking' y ASPARAGINE                 ? 'C4 H8 N2 O3'       132.118 
ASP 'L-peptide linking' y 'ASPARTIC ACID'            ? 'C4 H7 N O4'        133.103 
CYS 'L-peptide linking' y CYSTEINE                   ? 'C3 H7 N O2 S'      121.158 
GDP 'RNA linking'       n "GUANOSINE-5'-DIPHOSPHATE" ? 'C10 H15 N5 O11 P2' 443.201 
GLN 'L-peptide linking' y GLUTAMINE                  ? 'C5 H10 N2 O3'      146.144 
GLU 'L-peptide linking' y 'GLUTAMIC ACID'            ? 'C5 H9 N O4'        147.129 
GLY 'peptide linking'   y GLYCINE                    ? 'C2 H5 N O2'        75.067  
HIS 'L-peptide linking' y HISTIDINE                  ? 'C6 H10 N3 O2 1'    156.162 
ILE 'L-peptide linking' y ISOLEUCINE                 ? 'C6 H13 N O2'       131.173 
LEU 'L-peptide linking' y LEUCINE                    ? 'C6 H13 N O2'       131.173 
LYS 'L-peptide linking' y LYSINE                     ? 'C6 H15 N2 O2 1'    147.195 
MET 'L-peptide linking' y METHIONINE                 ? 'C5 H11 N O2 S'     149.211 
MG  non-polymer         . 'MAGNESIUM ION'            ? 'Mg 2'              24.305  
PHE 'L-peptide linking' y PHENYLALANINE              ? 'C9 H11 N O2'       165.189 
PRO 'L-peptide linking' y PROLINE                    ? 'C5 H9 N O2'        115.130 
SER 'L-peptide linking' y SERINE                     ? 'C3 H7 N O3'        105.093 
THR 'L-peptide linking' y THREONINE                  ? 'C4 H9 N O3'        119.119 
TRP 'L-peptide linking' y TRYPTOPHAN                 ? 'C11 H12 N2 O2'     204.225 
TYR 'L-peptide linking' y TYROSINE                   ? 'C9 H11 N O3'       181.189 
VAL 'L-peptide linking' y VALINE                     ? 'C5 H11 N O2'       117.146 
# 
loop_
_pdbx_poly_seq_scheme.asym_id 
_pdbx_poly_seq_scheme.entity_id 
_pdbx_poly_seq_scheme.seq_id 
_pdbx_poly_seq_scheme.mon_id 
_pdbx_poly_seq_scheme.ndb_seq_num 
_pdbx_poly_seq_scheme.pdb_seq_num 
_pdbx_poly_seq_scheme.auth_seq_num 
_pdbx_poly_seq_scheme.pdb_mon_id 
_pdbx_poly_seq_scheme.auth_mon_id 
_pdbx_poly_seq_scheme.pdb_strand_id 
_pdbx_poly_seq_scheme.pdb_ins_code 
_pdbx_poly_seq_scheme.hetero 
A 1 1   SER 1   1   ?   ?   ?   A . n 
A 1 2   LYS 2   2   ?   ?   ?   A . n 
A 1 3   GLU 3   3   ?   ?   ?   A . n 
A 1 4   LYS 4   4   ?   ?   ?   A . n 
A 1 5   PHE 5   5   ?   ?   ?   A . n 
A 1 6   GLU 6   6   ?   ?   ?   A . n 
A 1 7   ARG 7   7   ?   ?   ?   A . n 
A 1 8   THR 8   8   ?   ?   ?   A . n 
A 1 9   LYS 9   9   ?   ?   ?   A . n 
A 1 10  PRO 10  10  ?   ?   ?   A . n 
A 1 11  HIS 11  11  ?   ?   ?   A . n 
A 1 12  VAL 12  12  12  VAL VAL A . n 
A 1 13  ASN 13  13  13  ASN ASN A . n 
A 1 14  VAL 14  14  14  VAL VAL A . n 
A 1 15  GLY 15  15  15  GLY GLY A . n 
A 1 16  THR 16  16  16  THR THR A . n 
A 1 17  ILE 17  17  17  ILE ILE A . n 
A 1 18  GLY 18  18  18  GLY GLY A . n 
A 1 19  HIS 19  19  19  HIS HIS A . n 
A 1 20  VAL 20  20  20  VAL VAL A . n 
A 1 21  ASP 21  21  21  ASP ASP A . n 
A 1 22  HIS 22  22  22  HIS HIS A . n 
A 1 23  GLY 23  23  23  GLY GLY A . n 
A 1 24  LYS 24  24  24  LYS LYS A . n 
A 1 25  THR 25  25  25  THR THR A . n 
A 1 26  THR 26  26  26  THR THR A . n 
A 1 27  LEU 27  27  27  LEU LEU A . n 
A 1 28  THR 28  28  28  THR THR A . n 
A 1 29  ALA 29  29  29  ALA ALA A . n 
A 1 30  ALA 30  30  30  ALA ALA A . n 
A 1 31  ILE 31  31  31  ILE ILE A . n 
A 1 32  THR 32  32  32  THR THR A . n 
A 1 33  THR 33  33  33  THR THR A . n 
A 1 34  VAL 34  34  34  VAL VAL A . n 
A 1 35  LEU 35  35  35  LEU LEU A . n 
A 1 36  ALA 36  36  36  ALA ALA A . n 
A 1 37  LYS 37  37  37  LYS LYS A . n 
A 1 38  THR 38  38  38  THR THR A . n 
A 1 39  TYR 39  39  39  TYR TYR A . n 
A 1 40  GLY 40  40  ?   ?   ?   A . n 
A 1 41  GLY 41  41  ?   ?   ?   A . n 
A 1 42  ALA 42  42  ?   ?   ?   A . n 
A 1 43  ALA 43  43  ?   ?   ?   A . n 
A 1 44  ARG 44  44  ?   ?   ?   A . n 
A 1 45  GLY 45  59  ?   ?   ?   A . n 
A 1 46  ILE 46  60  ?   ?   ?   A . n 
A 1 47  THR 47  61  61  THR THR A . n 
A 1 48  ILE 48  62  62  ILE ILE A . n 
A 1 49  ASN 49  63  63  ASN ASN A . n 
A 1 50  THR 50  64  64  THR THR A . n 
A 1 51  SER 51  65  65  SER SER A . n 
A 1 52  HIS 52  66  66  HIS HIS A . n 
A 1 53  VAL 53  67  67  VAL VAL A . n 
A 1 54  GLU 54  68  68  GLU GLU A . n 
A 1 55  TYR 55  69  69  TYR TYR A . n 
A 1 56  ASP 56  70  70  ASP ASP A . n 
A 1 57  THR 57  71  71  THR THR A . n 
A 1 58  PRO 58  72  72  PRO PRO A . n 
A 1 59  THR 59  73  73  THR THR A . n 
A 1 60  ARG 60  74  74  ARG ARG A . n 
A 1 61  HIS 61  75  75  HIS HIS A . n 
A 1 62  TYR 62  76  76  TYR TYR A . n 
A 1 63  ALA 63  77  77  ALA ALA A . n 
A 1 64  HIS 64  78  78  HIS HIS A . n 
A 1 65  VAL 65  79  79  VAL VAL A . n 
A 1 66  ASP 66  80  80  ASP ASP A . n 
A 1 67  CYS 67  81  81  CYS CYS A . n 
A 1 68  PRO 68  82  82  PRO PRO A . n 
A 1 69  GLY 69  83  83  GLY GLY A . n 
A 1 70  HIS 70  84  84  HIS HIS A . n 
A 1 71  ALA 71  85  85  ALA ALA A . n 
A 1 72  ASP 72  86  86  ASP ASP A . n 
A 1 73  TYR 73  87  87  TYR TYR A . n 
A 1 74  VAL 74  88  88  VAL VAL A . n 
A 1 75  LYS 75  89  89  LYS LYS A . n 
A 1 76  ASN 76  90  90  ASN ASN A . n 
A 1 77  MET 77  91  91  MET MET A . n 
A 1 78  ILE 78  92  92  ILE ILE A . n 
A 1 79  THR 79  93  93  THR THR A . n 
A 1 80  GLY 80  94  94  GLY GLY A . n 
A 1 81  ALA 81  95  95  ALA ALA A . n 
A 1 82  ALA 82  96  96  ALA ALA A . n 
A 1 83  GLN 83  97  97  GLN GLN A . n 
A 1 84  MET 84  98  98  MET MET A . n 
A 1 85  ASP 85  99  99  ASP ASP A . n 
A 1 86  GLY 86  100 100 GLY GLY A . n 
A 1 87  ALA 87  101 101 ALA ALA A . n 
A 1 88  ILE 88  102 102 ILE ILE A . n 
A 1 89  LEU 89  103 103 LEU LEU A . n 
A 1 90  VAL 90  104 104 VAL VAL A . n 
A 1 91  VAL 91  105 105 VAL VAL A . n 
A 1 92  ALA 92  106 106 ALA ALA A . n 
A 1 93  ALA 93  107 107 ALA ALA A . n 
A 1 94  THR 94  108 108 THR THR A . n 
A 1 95  ASP 95  109 109 ASP ASP A . n 
A 1 96  GLY 96  110 110 GLY GLY A . n 
A 1 97  PRO 97  111 111 PRO PRO A . n 
A 1 98  MET 98  112 112 MET MET A . n 
A 1 99  PRO 99  113 113 PRO PRO A . n 
A 1 100 GLN 100 114 114 GLN GLN A . n 
A 1 101 THR 101 115 115 THR THR A . n 
A 1 102 ARG 102 116 116 ARG ARG A . n 
A 1 103 GLU 103 117 117 GLU GLU A . n 
A 1 104 HIS 104 118 118 HIS HIS A . n 
A 1 105 ILE 105 119 119 ILE ILE A . n 
A 1 106 LEU 106 120 120 LEU LEU A . n 
A 1 107 LEU 107 121 121 LEU LEU A . n 
A 1 108 GLY 108 122 122 GLY GLY A . n 
A 1 109 ARG 109 123 123 ARG ARG A . n 
A 1 110 GLN 110 124 124 GLN GLN A . n 
A 1 111 VAL 111 125 125 VAL VAL A . n 
A 1 112 GLY 112 126 126 GLY GLY A . n 
A 1 113 VAL 113 127 127 VAL VAL A . n 
A 1 114 PRO 114 128 128 PRO PRO A . n 
A 1 115 TYR 115 129 129 TYR TYR A . n 
A 1 116 ILE 116 130 130 ILE ILE A . n 
A 1 117 ILE 117 131 131 ILE ILE A . n 
A 1 118 VAL 118 132 132 VAL VAL A . n 
A 1 119 PHE 119 133 133 PHE PHE A . n 
A 1 120 LEU 120 134 134 LEU LEU A . n 
A 1 121 ASN 121 135 135 ASN ASN A . n 
A 1 122 LYS 122 136 136 LYS LYS A . n 
A 1 123 CYS 123 137 137 CYS CYS A . n 
A 1 124 ASP 124 138 138 ASP ASP A . n 
A 1 125 MET 125 139 139 MET MET A . n 
A 1 126 VAL 126 140 140 VAL VAL A . n 
A 1 127 ASP 127 141 141 ASP ASP A . n 
A 1 128 ASP 128 142 142 ASP ASP A . n 
A 1 129 GLU 129 143 143 GLU GLU A . n 
A 1 130 GLU 130 144 144 GLU GLU A . n 
A 1 131 LEU 131 145 145 LEU LEU A . n 
A 1 132 LEU 132 146 146 LEU LEU A . n 
A 1 133 GLU 133 147 147 GLU GLU A . n 
A 1 134 LEU 134 148 148 LEU LEU A . n 
A 1 135 VAL 135 149 149 VAL VAL A . n 
A 1 136 GLU 136 150 150 GLU GLU A . n 
A 1 137 MET 137 151 151 MET MET A . n 
A 1 138 GLU 138 152 152 GLU GLU A . n 
A 1 139 VAL 139 153 153 VAL VAL A . n 
A 1 140 ARG 140 154 154 ARG ARG A . n 
A 1 141 GLU 141 155 155 GLU GLU A . n 
A 1 142 LEU 142 156 156 LEU LEU A . n 
A 1 143 LEU 143 157 157 LEU LEU A . n 
A 1 144 SER 144 158 158 SER SER A . n 
A 1 145 GLN 145 159 159 GLN GLN A . n 
A 1 146 TYR 146 160 160 TYR TYR A . n 
A 1 147 ASP 147 161 161 ASP ASP A . n 
A 1 148 PHE 148 162 162 PHE PHE A . n 
A 1 149 PRO 149 163 163 PRO PRO A . n 
A 1 150 GLY 150 164 164 GLY GLY A . n 
A 1 151 ASP 151 165 165 ASP ASP A . n 
A 1 152 ASP 152 166 166 ASP ASP A . n 
A 1 153 THR 153 167 167 THR THR A . n 
A 1 154 PRO 154 168 168 PRO PRO A . n 
A 1 155 ILE 155 169 169 ILE ILE A . n 
A 1 156 VAL 156 170 170 VAL VAL A . n 
A 1 157 ARG 157 171 171 ARG ARG A . n 
A 1 158 GLY 158 172 172 GLY GLY A . n 
A 1 159 SER 159 173 173 SER SER A . n 
A 1 160 ALA 160 174 174 ALA ALA A . n 
A 1 161 LEU 161 175 175 LEU LEU A . n 
A 1 162 LYS 162 176 176 LYS LYS A . n 
A 1 163 ALA 163 177 177 ALA ALA A . n 
A 1 164 LEU 164 178 178 LEU LEU A . n 
A 1 165 GLU 165 179 179 GLU GLU A . n 
A 1 166 GLY 166 180 180 GLY GLY A . n 
A 1 167 ASP 167 181 181 ASP ASP A . n 
A 1 168 ALA 168 182 182 ALA ALA A . n 
A 1 169 GLU 169 183 183 GLU GLU A . n 
A 1 170 TRP 170 184 184 TRP TRP A . n 
A 1 171 GLU 171 185 185 GLU GLU A . n 
A 1 172 ALA 172 186 186 ALA ALA A . n 
A 1 173 LYS 173 187 187 LYS LYS A . n 
A 1 174 ILE 174 188 188 ILE ILE A . n 
A 1 175 LEU 175 189 189 LEU LEU A . n 
A 1 176 GLU 176 190 190 GLU GLU A . n 
A 1 177 LEU 177 191 ?   ?   ?   A . n 
A 1 178 ALA 178 192 ?   ?   ?   A . n 
A 1 179 GLY 179 193 ?   ?   ?   A . n 
A 1 180 PHE 180 194 ?   ?   ?   A . n 
A 1 181 LEU 181 195 ?   ?   ?   A . n 
A 1 182 ASP 182 196 ?   ?   ?   A . n 
A 1 183 SER 183 197 ?   ?   ?   A . n 
A 1 184 TYR 184 198 ?   ?   ?   A . n 
A 1 185 ILE 185 199 ?   ?   ?   A . n 
A 1 186 PRO 186 200 ?   ?   ?   A . n 
A 1 187 GLU 187 201 ?   ?   ?   A . n 
A 1 188 PRO 188 202 ?   ?   ?   A . n 
A 1 189 GLU 189 203 ?   ?   ?   A . n 
A 1 190 ARG 190 204 ?   ?   ?   A . n 
A 1 191 ALA 191 205 ?   ?   ?   A . n 
A 1 192 ILE 192 206 ?   ?   ?   A . n 
A 1 193 ASP 193 207 ?   ?   ?   A . n 
A 1 194 LYS 194 208 ?   ?   ?   A . n 
A 1 195 PRO 195 209 ?   ?   ?   A . n 
A 1 196 PHE 196 210 ?   ?   ?   A . n 
A 1 197 LEU 197 211 ?   ?   ?   A . n 
A 1 198 LEU 198 212 ?   ?   ?   A . n 
A 1 199 PRO 199 213 ?   ?   ?   A . n 
A 1 200 ILE 200 214 ?   ?   ?   A . n 
A 1 201 GLU 201 215 ?   ?   ?   A . n 
A 1 202 ASP 202 216 ?   ?   ?   A . n 
A 1 203 VAL 203 217 ?   ?   ?   A . n 
A 1 204 PHE 204 218 ?   ?   ?   A . n 
A 1 205 SER 205 219 ?   ?   ?   A . n 
A 1 206 ILE 206 220 ?   ?   ?   A . n 
A 1 207 SER 207 221 ?   ?   ?   A . n 
A 1 208 GLY 208 222 ?   ?   ?   A . n 
A 1 209 ARG 209 223 ?   ?   ?   A . n 
A 1 210 GLY 210 224 ?   ?   ?   A . n 
A 1 211 THR 211 225 ?   ?   ?   A . n 
A 1 212 VAL 212 226 ?   ?   ?   A . n 
A 1 213 VAL 213 227 ?   ?   ?   A . n 
A 1 214 THR 214 228 ?   ?   ?   A . n 
A 1 215 GLY 215 229 ?   ?   ?   A . n 
A 1 216 ARG 216 230 ?   ?   ?   A . n 
A 1 217 VAL 217 231 ?   ?   ?   A . n 
A 1 218 GLU 218 232 ?   ?   ?   A . n 
A 1 219 ARG 219 233 ?   ?   ?   A . n 
A 1 220 GLY 220 234 ?   ?   ?   A . n 
A 1 221 ILE 221 235 ?   ?   ?   A . n 
A 1 222 ILE 222 236 ?   ?   ?   A . n 
A 1 223 LYS 223 237 ?   ?   ?   A . n 
A 1 224 VAL 224 238 ?   ?   ?   A . n 
A 1 225 GLY 225 239 ?   ?   ?   A . n 
A 1 226 GLU 226 240 ?   ?   ?   A . n 
A 1 227 GLU 227 241 ?   ?   ?   A . n 
A 1 228 VAL 228 242 ?   ?   ?   A . n 
A 1 229 GLU 229 243 ?   ?   ?   A . n 
A 1 230 ILE 230 244 ?   ?   ?   A . n 
A 1 231 VAL 231 245 ?   ?   ?   A . n 
A 1 232 GLY 232 246 ?   ?   ?   A . n 
A 1 233 ILE 233 247 ?   ?   ?   A . n 
A 1 234 LYS 234 248 ?   ?   ?   A . n 
A 1 235 GLU 235 249 ?   ?   ?   A . n 
A 1 236 THR 236 250 ?   ?   ?   A . n 
A 1 237 GLN 237 251 ?   ?   ?   A . n 
A 1 238 LYS 238 252 ?   ?   ?   A . n 
A 1 239 SER 239 253 ?   ?   ?   A . n 
A 1 240 THR 240 254 ?   ?   ?   A . n 
A 1 241 CYS 241 255 ?   ?   ?   A . n 
A 1 242 THR 242 256 ?   ?   ?   A . n 
A 1 243 GLY 243 257 ?   ?   ?   A . n 
A 1 244 VAL 244 258 ?   ?   ?   A . n 
A 1 245 GLU 245 259 ?   ?   ?   A . n 
A 1 246 MET 246 260 ?   ?   ?   A . n 
A 1 247 PHE 247 261 ?   ?   ?   A . n 
A 1 248 ARG 248 262 ?   ?   ?   A . n 
A 1 249 LYS 249 263 ?   ?   ?   A . n 
A 1 250 LEU 250 264 ?   ?   ?   A . n 
A 1 251 LEU 251 265 ?   ?   ?   A . n 
A 1 252 ASP 252 266 ?   ?   ?   A . n 
A 1 253 GLU 253 267 ?   ?   ?   A . n 
A 1 254 GLY 254 268 ?   ?   ?   A . n 
A 1 255 ARG 255 269 ?   ?   ?   A . n 
A 1 256 ALA 256 270 ?   ?   ?   A . n 
A 1 257 GLY 257 271 ?   ?   ?   A . n 
A 1 258 GLU 258 272 ?   ?   ?   A . n 
A 1 259 ASN 259 273 ?   ?   ?   A . n 
A 1 260 VAL 260 274 ?   ?   ?   A . n 
A 1 261 GLY 261 275 ?   ?   ?   A . n 
A 1 262 VAL 262 276 ?   ?   ?   A . n 
A 1 263 LEU 263 277 ?   ?   ?   A . n 
A 1 264 LEU 264 278 ?   ?   ?   A . n 
A 1 265 ARG 265 279 ?   ?   ?   A . n 
A 1 266 GLY 266 280 ?   ?   ?   A . n 
A 1 267 ILE 267 281 ?   ?   ?   A . n 
A 1 268 LYS 268 282 ?   ?   ?   A . n 
A 1 269 ARG 269 283 ?   ?   ?   A . n 
A 1 270 GLU 270 284 ?   ?   ?   A . n 
A 1 271 GLU 271 285 ?   ?   ?   A . n 
A 1 272 ILE 272 286 ?   ?   ?   A . n 
A 1 273 GLU 273 287 ?   ?   ?   A . n 
A 1 274 ARG 274 288 ?   ?   ?   A . n 
A 1 275 GLY 275 289 ?   ?   ?   A . n 
A 1 276 GLN 276 290 ?   ?   ?   A . n 
A 1 277 VAL 277 291 ?   ?   ?   A . n 
A 1 278 LEU 278 292 ?   ?   ?   A . n 
A 1 279 ALA 279 293 ?   ?   ?   A . n 
A 1 280 LYS 280 294 ?   ?   ?   A . n 
A 1 281 PRO 281 295 ?   ?   ?   A . n 
A 1 282 GLY 282 296 ?   ?   ?   A . n 
A 1 283 THR 283 297 ?   ?   ?   A . n 
A 1 284 ILE 284 298 ?   ?   ?   A . n 
A 1 285 LYS 285 299 ?   ?   ?   A . n 
A 1 286 PRO 286 300 ?   ?   ?   A . n 
A 1 287 HIS 287 301 ?   ?   ?   A . n 
A 1 288 THR 288 302 ?   ?   ?   A . n 
A 1 289 LYS 289 303 ?   ?   ?   A . n 
A 1 290 PHE 290 304 ?   ?   ?   A . n 
A 1 291 GLU 291 305 ?   ?   ?   A . n 
A 1 292 SER 292 306 ?   ?   ?   A . n 
A 1 293 GLU 293 307 ?   ?   ?   A . n 
A 1 294 VAL 294 308 ?   ?   ?   A . n 
A 1 295 TYR 295 309 ?   ?   ?   A . n 
A 1 296 ILE 296 310 ?   ?   ?   A . n 
A 1 297 LEU 297 311 ?   ?   ?   A . n 
A 1 298 SER 298 312 ?   ?   ?   A . n 
A 1 299 LYS 299 313 ?   ?   ?   A . n 
A 1 300 ASP 300 314 ?   ?   ?   A . n 
A 1 301 GLU 301 315 ?   ?   ?   A . n 
A 1 302 GLY 302 316 ?   ?   ?   A . n 
A 1 303 GLY 303 317 ?   ?   ?   A . n 
A 1 304 ARG 304 318 ?   ?   ?   A . n 
A 1 305 HIS 305 319 ?   ?   ?   A . n 
A 1 306 THR 306 320 ?   ?   ?   A . n 
A 1 307 PRO 307 321 ?   ?   ?   A . n 
A 1 308 PHE 308 322 ?   ?   ?   A . n 
A 1 309 PHE 309 323 ?   ?   ?   A . n 
A 1 310 LYS 310 324 ?   ?   ?   A . n 
A 1 311 GLY 311 325 ?   ?   ?   A . n 
A 1 312 TYR 312 326 ?   ?   ?   A . n 
A 1 313 ARG 313 327 ?   ?   ?   A . n 
A 1 314 PRO 314 328 ?   ?   ?   A . n 
A 1 315 GLN 315 329 ?   ?   ?   A . n 
A 1 316 PHE 316 330 ?   ?   ?   A . n 
A 1 317 TYR 317 331 ?   ?   ?   A . n 
A 1 318 PHE 318 332 ?   ?   ?   A . n 
A 1 319 ARG 319 333 ?   ?   ?   A . n 
A 1 320 THR 320 334 ?   ?   ?   A . n 
A 1 321 THR 321 335 ?   ?   ?   A . n 
A 1 322 ASP 322 336 ?   ?   ?   A . n 
A 1 323 VAL 323 337 ?   ?   ?   A . n 
A 1 324 THR 324 338 ?   ?   ?   A . n 
A 1 325 GLY 325 339 ?   ?   ?   A . n 
A 1 326 THR 326 340 ?   ?   ?   A . n 
A 1 327 ILE 327 341 ?   ?   ?   A . n 
A 1 328 GLU 328 342 ?   ?   ?   A . n 
A 1 329 LEU 329 343 ?   ?   ?   A . n 
A 1 330 PRO 330 344 ?   ?   ?   A . n 
A 1 331 GLU 331 345 ?   ?   ?   A . n 
A 1 332 GLY 332 346 ?   ?   ?   A . n 
A 1 333 VAL 333 347 ?   ?   ?   A . n 
A 1 334 GLU 334 348 ?   ?   ?   A . n 
A 1 335 MET 335 349 ?   ?   ?   A . n 
A 1 336 VAL 336 350 ?   ?   ?   A . n 
A 1 337 MET 337 351 ?   ?   ?   A . n 
A 1 338 PRO 338 352 ?   ?   ?   A . n 
A 1 339 GLY 339 353 ?   ?   ?   A . n 
A 1 340 ASP 340 354 ?   ?   ?   A . n 
A 1 341 ASN 341 355 ?   ?   ?   A . n 
A 1 342 ILE 342 356 ?   ?   ?   A . n 
A 1 343 LYS 343 357 ?   ?   ?   A . n 
A 1 344 MET 344 358 ?   ?   ?   A . n 
A 1 345 VAL 345 359 ?   ?   ?   A . n 
A 1 346 VAL 346 360 ?   ?   ?   A . n 
A 1 347 THR 347 361 ?   ?   ?   A . n 
A 1 348 LEU 348 362 ?   ?   ?   A . n 
A 1 349 ILE 349 363 ?   ?   ?   A . n 
A 1 350 HIS 350 364 ?   ?   ?   A . n 
A 1 351 PRO 351 365 ?   ?   ?   A . n 
A 1 352 ILE 352 366 ?   ?   ?   A . n 
A 1 353 ALA 353 367 ?   ?   ?   A . n 
A 1 354 MET 354 368 ?   ?   ?   A . n 
A 1 355 ASP 355 369 ?   ?   ?   A . n 
A 1 356 ASP 356 370 ?   ?   ?   A . n 
A 1 357 GLY 357 371 ?   ?   ?   A . n 
A 1 358 LEU 358 372 ?   ?   ?   A . n 
A 1 359 ARG 359 373 ?   ?   ?   A . n 
A 1 360 PHE 360 374 ?   ?   ?   A . n 
A 1 361 ALA 361 375 ?   ?   ?   A . n 
A 1 362 ILE 362 376 ?   ?   ?   A . n 
A 1 363 ARG 363 377 ?   ?   ?   A . n 
A 1 364 GLU 364 378 ?   ?   ?   A . n 
A 1 365 GLY 365 379 ?   ?   ?   A . n 
A 1 366 GLY 366 380 ?   ?   ?   A . n 
A 1 367 ARG 367 381 ?   ?   ?   A . n 
A 1 368 THR 368 382 ?   ?   ?   A . n 
A 1 369 VAL 369 383 ?   ?   ?   A . n 
A 1 370 GLY 370 384 ?   ?   ?   A . n 
A 1 371 ALA 371 385 ?   ?   ?   A . n 
A 1 372 GLY 372 386 ?   ?   ?   A . n 
A 1 373 VAL 373 387 ?   ?   ?   A . n 
A 1 374 VAL 374 388 ?   ?   ?   A . n 
A 1 375 ALA 375 389 ?   ?   ?   A . n 
A 1 376 LYS 376 390 ?   ?   ?   A . n 
A 1 377 VAL 377 391 ?   ?   ?   A . n 
A 1 378 LEU 378 392 ?   ?   ?   A . n 
A 1 379 SER 379 393 ?   ?   ?   A . n 
# 
loop_
_pdbx_nonpoly_scheme.asym_id 
_pdbx_nonpoly_scheme.entity_id 
_pdbx_nonpoly_scheme.mon_id 
_pdbx_nonpoly_scheme.ndb_seq_num 
_pdbx_nonpoly_scheme.pdb_seq_num 
_pdbx_nonpoly_scheme.auth_seq_num 
_pdbx_nonpoly_scheme.pdb_mon_id 
_pdbx_nonpoly_scheme.auth_mon_id 
_pdbx_nonpoly_scheme.pdb_strand_id 
_pdbx_nonpoly_scheme.pdb_ins_code 
B 2 MG  1 394 1 MG  MG  A . 
C 3 GDP 1 395 2 GDP GDP A . 
# 
_cell.entry_id           1EFM 
_cell.length_a           98.609 
_cell.length_b           100.807 
_cell.length_c           162.465 
_cell.angle_alpha        90.00 
_cell.angle_beta         90.00 
_cell.angle_gamma        90.00 
_cell.Z_PDB              8 
_cell.pdbx_unique_axis   ? 
# 
_symmetry.entry_id                         1EFM 
_symmetry.space_group_name_H-M             'C 2 2 21' 
_symmetry.pdbx_full_space_group_name_H-M   ? 
_symmetry.cell_setting                     ? 
_symmetry.Int_Tables_number                20 
# 
_exptl.entry_id          1EFM 
_exptl.method            'X-RAY DIFFRACTION' 
_exptl.crystals_number   ? 
# 
_exptl_crystal.id                    1 
_exptl_crystal.density_meas          ? 
_exptl_crystal.density_Matthews      4.88 
_exptl_crystal.density_percent_sol   74.77 
_exptl_crystal.description           ? 
# 
_diffrn.id                     1 
_diffrn.crystal_id             1 
_diffrn.ambient_temp           ? 
_diffrn.ambient_temp_details   ? 
# 
_refine.entry_id                                 1EFM 
_refine.ls_number_reflns_obs                     ? 
_refine.ls_number_reflns_all                     ? 
_refine.pdbx_ls_sigma_I                          ? 
_refine.pdbx_ls_sigma_F                          ? 
_refine.pdbx_data_cutoff_high_absF               ? 
_refine.pdbx_data_cutoff_low_absF                ? 
_refine.pdbx_data_cutoff_high_rms_absF           ? 
_refine.ls_d_res_low                             ? 
_refine.ls_d_res_high                            2.7 
_refine.ls_percent_reflns_obs                    ? 
_refine.ls_R_factor_obs                          ? 
_refine.ls_R_factor_all                          ? 
_refine.ls_R_factor_R_work                       ? 
_refine.ls_R_factor_R_free                       ? 
_refine.ls_R_factor_R_free_error                 ? 
_refine.ls_R_factor_R_free_error_details         ? 
_refine.ls_percent_reflns_R_free                 ? 
_refine.ls_number_reflns_R_free                  ? 
_refine.ls_number_parameters                     ? 
_refine.ls_number_restraints                     ? 
_refine.occupancy_min                            ? 
_refine.occupancy_max                            ? 
_refine.B_iso_mean                               ? 
_refine.aniso_B[1][1]                            ? 
_refine.aniso_B[2][2]                            ? 
_refine.aniso_B[3][3]                            ? 
_refine.aniso_B[1][2]                            ? 
_refine.aniso_B[1][3]                            ? 
_refine.aniso_B[2][3]                            ? 
_refine.solvent_model_details                    ? 
_refine.solvent_model_param_ksol                 ? 
_refine.solvent_model_param_bsol                 ? 
_refine.pdbx_ls_cross_valid_method               ? 
_refine.details                                  ? 
_refine.pdbx_starting_model                      ? 
_refine.pdbx_method_to_determine_struct          ? 
_refine.pdbx_isotropic_thermal_model             ? 
_refine.pdbx_stereochemistry_target_values       ? 
_refine.pdbx_stereochem_target_val_spec_case     ? 
_refine.pdbx_R_Free_selection_details            ? 
_refine.pdbx_overall_ESU_R                       ? 
_refine.pdbx_overall_ESU_R_Free                  ? 
_refine.overall_SU_ML                            ? 
_refine.overall_SU_B                             ? 
_refine.pdbx_refine_id                           'X-RAY DIFFRACTION' 
_refine.pdbx_diffrn_id                           1 
_refine.pdbx_TLS_residual_ADP_flag               ? 
_refine.correlation_coeff_Fo_to_Fc               ? 
_refine.correlation_coeff_Fo_to_Fc_free          ? 
_refine.pdbx_solvent_vdw_probe_radii             ? 
_refine.pdbx_solvent_ion_probe_radii             ? 
_refine.pdbx_solvent_shrinkage_radii             ? 
_refine.pdbx_overall_phase_error                 ? 
_refine.overall_SU_R_Cruickshank_DPI             ? 
_refine.pdbx_overall_SU_R_free_Cruickshank_DPI   ? 
_refine.pdbx_overall_SU_R_Blow_DPI               ? 
_refine.pdbx_overall_SU_R_free_Blow_DPI          ? 
# 
_refine_hist.pdbx_refine_id                   'X-RAY DIFFRACTION' 
_refine_hist.cycle_id                         LAST 
_refine_hist.pdbx_number_atoms_protein        158 
_refine_hist.pdbx_number_atoms_nucleic_acid   0 
_refine_hist.pdbx_number_atoms_ligand         29 
_refine_hist.number_atoms_solvent             0 
_refine_hist.number_atoms_total               187 
_refine_hist.d_res_high                       2.7 
_refine_hist.d_res_low                        . 
# 
_struct.entry_id                  1EFM 
_struct.title                     
'STRUCTURE OF THE GDP DOMAIN OF EF-TU AND LOCATION OF THE AMINO ACIDS HOMOLOGOUS TO RAS ONCOGENE PROTEINS' 
_struct.pdbx_model_details        ? 
_struct.pdbx_CASP_flag            ? 
_struct.pdbx_model_type_details   ? 
# 
_struct_keywords.entry_id        1EFM 
_struct_keywords.pdbx_keywords   'ELONGATION FACTOR' 
_struct_keywords.text            'ELONGATION FACTOR' 
# 
loop_
_struct_asym.id 
_struct_asym.pdbx_blank_PDB_chainid_flag 
_struct_asym.pdbx_modified 
_struct_asym.entity_id 
_struct_asym.details 
A N N 1 ? 
B N N 2 ? 
C N N 3 ? 
# 
_struct_ref.id                         1 
_struct_ref.db_name                    UNP 
_struct_ref.db_code                    EFTU_ECOLI 
_struct_ref.entity_id                  1 
_struct_ref.pdbx_db_accession          P02990 
_struct_ref.pdbx_align_begin           1 
_struct_ref.pdbx_seq_one_letter_code   
;SKEKFERTKPHVNVGTIGHVDHGKTTLTAAITTVLAKTYGGAARAFDQIDNAPEEKARGITINTSHVEYDTPTRHYAHVD
CPGHADYVKNMITGAAQMDGAILVVAATDGPMPQTREHILLGRQVGVPYIIVFLNKCDMVDDEELLELVEMEVRELLSQY
DFPGDDTPIVRGSALKALEGDAEWEAKILELAGFLDSYIPEPERAIDKPFLLPIEDVFSISGRGTVVTGRVERGIIKVGE
EVEIVGIKETQKSTCTGVEMFRKLLDEGRAGENVGVLLRGIKREEIERGQVLAKPGTIKPHTKFESEVYILSKDEGGRHT
PFFKGYRPQFYFRTTDVTGTIELPEGVEMVMPGDNIKMVVTLIHPIAMDDGLRFAIREGGRTVGAGVVAKVLS
;
_struct_ref.pdbx_db_isoform            ? 
# 
_struct_ref_seq.align_id                      1 
_struct_ref_seq.ref_id                        1 
_struct_ref_seq.pdbx_PDB_id_code              1EFM 
_struct_ref_seq.pdbx_strand_id                A 
_struct_ref_seq.seq_align_beg                 1 
_struct_ref_seq.pdbx_seq_align_beg_ins_code   ? 
_struct_ref_seq.seq_align_end                 379 
_struct_ref_seq.pdbx_seq_align_end_ins_code   ? 
_struct_ref_seq.pdbx_db_accession             P02990 
_struct_ref_seq.db_align_beg                  1 
_struct_ref_seq.pdbx_db_align_beg_ins_code    ? 
_struct_ref_seq.db_align_end                  393 
_struct_ref_seq.pdbx_db_align_end_ins_code    ? 
_struct_ref_seq.pdbx_auth_seq_align_beg       1 
_struct_ref_seq.pdbx_auth_seq_align_end       393 
# 
loop_
_struct_ref_seq_dif.align_id 
_struct_ref_seq_dif.pdbx_pdb_id_code 
_struct_ref_seq_dif.mon_id 
_struct_ref_seq_dif.pdbx_pdb_strand_id 
_struct_ref_seq_dif.seq_num 
_struct_ref_seq_dif.pdbx_pdb_ins_code 
_struct_ref_seq_dif.pdbx_seq_db_name 
_struct_ref_seq_dif.pdbx_seq_db_accession_code 
_struct_ref_seq_dif.db_mon_id 
_struct_ref_seq_dif.pdbx_seq_db_seq_num 
_struct_ref_seq_dif.details 
_struct_ref_seq_dif.pdbx_auth_seq_num 
_struct_ref_seq_dif.pdbx_ordinal 
1 1EFM ? A ? ? UNP P02990 ALA 43 deletion ? 1  
1 1EFM ? A ? ? UNP P02990 ARG 44 deletion ? 2  
1 1EFM ? A ? ? UNP P02990 ALA 45 deletion ? 3  
1 1EFM ? A ? ? UNP P02990 PHE 46 deletion ? 4  
1 1EFM ? A ? ? UNP P02990 ASP 47 deletion ? 5  
1 1EFM ? A ? ? UNP P02990 GLN 48 deletion ? 6  
1 1EFM ? A ? ? UNP P02990 ILE 49 deletion ? 7  
1 1EFM ? A ? ? UNP P02990 ASP 50 deletion ? 8  
1 1EFM ? A ? ? UNP P02990 ASN 51 deletion ? 9  
1 1EFM ? A ? ? UNP P02990 ALA 52 deletion ? 10 
1 1EFM ? A ? ? UNP P02990 PRO 53 deletion ? 11 
1 1EFM ? A ? ? UNP P02990 GLU 54 deletion ? 12 
1 1EFM ? A ? ? UNP P02990 GLU 55 deletion ? 13 
1 1EFM ? A ? ? UNP P02990 LYS 56 deletion ? 14 
# 
_pdbx_struct_assembly.id                   1 
_pdbx_struct_assembly.details              author_defined_assembly 
_pdbx_struct_assembly.method_details       ? 
_pdbx_struct_assembly.oligomeric_details   monomeric 
_pdbx_struct_assembly.oligomeric_count     1 
# 
_pdbx_struct_assembly_gen.assembly_id       1 
_pdbx_struct_assembly_gen.oper_expression   1 
_pdbx_struct_assembly_gen.asym_id_list      A,B,C 
# 
_pdbx_struct_oper_list.id                   1 
_pdbx_struct_oper_list.type                 'identity operation' 
_pdbx_struct_oper_list.name                 1_555 
_pdbx_struct_oper_list.symmetry_operation   x,y,z 
_pdbx_struct_oper_list.matrix[1][1]         1.0000000000 
_pdbx_struct_oper_list.matrix[1][2]         0.0000000000 
_pdbx_struct_oper_list.matrix[1][3]         0.0000000000 
_pdbx_struct_oper_list.vector[1]            0.0000000000 
_pdbx_struct_oper_list.matrix[2][1]         0.0000000000 
_pdbx_struct_oper_list.matrix[2][2]         1.0000000000 
_pdbx_struct_oper_list.matrix[2][3]         0.0000000000 
_pdbx_struct_oper_list.vector[2]            0.0000000000 
_pdbx_struct_oper_list.matrix[3][1]         0.0000000000 
_pdbx_struct_oper_list.matrix[3][2]         0.0000000000 
_pdbx_struct_oper_list.matrix[3][3]         1.0000000000 
_pdbx_struct_oper_list.vector[3]            0.0000000000 
# 
_struct_biol.id   1 
# 
loop_
_struct_site.id 
_struct_site.pdbx_evidence_code 
_struct_site.pdbx_auth_asym_id 
_struct_site.pdbx_auth_comp_id 
_struct_site.pdbx_auth_seq_id 
_struct_site.pdbx_auth_ins_code 
_struct_site.pdbx_num_residues 
_struct_site.details 
AC1 Software A MG  394 ? 1 'BINDING SITE FOR RESIDUE MG A 394'  
AC2 Software A GDP 395 ? 7 'BINDING SITE FOR RESIDUE GDP A 395' 
# 
loop_
_struct_site_gen.id 
_struct_site_gen.site_id 
_struct_site_gen.pdbx_num_res 
_struct_site_gen.label_comp_id 
_struct_site_gen.label_asym_id 
_struct_site_gen.label_seq_id 
_struct_site_gen.pdbx_auth_ins_code 
_struct_site_gen.auth_comp_id 
_struct_site_gen.auth_asym_id 
_struct_site_gen.auth_seq_id 
_struct_site_gen.label_atom_id 
_struct_site_gen.label_alt_id 
_struct_site_gen.symmetry 
_struct_site_gen.details 
1 AC1 1 GDP C .   ? GDP A 395 . ? 1_555 ? 
2 AC2 7 VAL A 20  ? VAL A 20  . ? 1_555 ? 
3 AC2 7 ASP A 21  ? ASP A 21  . ? 1_555 ? 
4 AC2 7 GLY A 23  ? GLY A 23  . ? 1_555 ? 
5 AC2 7 LYS A 24  ? LYS A 24  . ? 1_555 ? 
6 AC2 7 THR A 25  ? THR A 25  . ? 1_555 ? 
7 AC2 7 LEU A 161 ? LEU A 175 . ? 1_555 ? 
8 AC2 7 MG  B .   ? MG  A 394 . ? 1_555 ? 
# 
_pdbx_entry_details.entry_id                 1EFM 
_pdbx_entry_details.compound_details         
;TRYPSIN-MODIFIED EF-TU CONTAINS TWO MAJOR FRAGMENTS
CONSISTING OF RESIDUES 1-44 AND 59-393.  RESIDUES 45-58
HAVE BEEN EXCISED.  TO CLARIFY THIS RELATIONSHIP, THE
PROTEIN IS REPRESENTED BY ONE SET OF SEQRES RECORDS WITH
EXC IN PLACE OF RESIDUES 45-58.
;
_pdbx_entry_details.source_details           ? 
_pdbx_entry_details.nonpolymer_details       ? 
_pdbx_entry_details.sequence_details         ? 
_pdbx_entry_details.has_ligand_of_interest   ? 
# 
loop_
_pdbx_unobs_or_zero_occ_residues.id 
_pdbx_unobs_or_zero_occ_residues.PDB_model_num 
_pdbx_unobs_or_zero_occ_residues.polymer_flag 
_pdbx_unobs_or_zero_occ_residues.occupancy_flag 
_pdbx_unobs_or_zero_occ_residues.auth_asym_id 
_pdbx_unobs_or_zero_occ_residues.auth_comp_id 
_pdbx_unobs_or_zero_occ_residues.auth_seq_id 
_pdbx_unobs_or_zero_occ_residues.PDB_ins_code 
_pdbx_unobs_or_zero_occ_residues.label_asym_id 
_pdbx_unobs_or_zero_occ_residues.label_comp_id 
_pdbx_unobs_or_zero_occ_residues.label_seq_id 
1   1 Y 1 A SER 1   ? A SER 1   
2   1 Y 1 A LYS 2   ? A LYS 2   
3   1 Y 1 A GLU 3   ? A GLU 3   
4   1 Y 1 A LYS 4   ? A LYS 4   
5   1 Y 1 A PHE 5   ? A PHE 5   
6   1 Y 1 A GLU 6   ? A GLU 6   
7   1 Y 1 A ARG 7   ? A ARG 7   
8   1 Y 1 A THR 8   ? A THR 8   
9   1 Y 1 A LYS 9   ? A LYS 9   
10  1 Y 1 A PRO 10  ? A PRO 10  
11  1 Y 1 A HIS 11  ? A HIS 11  
12  1 Y 1 A GLY 40  ? A GLY 40  
13  1 Y 1 A GLY 41  ? A GLY 41  
14  1 Y 1 A ALA 42  ? A ALA 42  
15  1 Y 1 A ALA 43  ? A ALA 43  
16  1 Y 1 A ARG 44  ? A ARG 44  
17  1 Y 1 A GLY 59  ? A GLY 45  
18  1 Y 1 A ILE 60  ? A ILE 46  
19  1 Y 1 A LEU 191 ? A LEU 177 
20  1 Y 1 A ALA 192 ? A ALA 178 
21  1 Y 1 A GLY 193 ? A GLY 179 
22  1 Y 1 A PHE 194 ? A PHE 180 
23  1 Y 1 A LEU 195 ? A LEU 181 
24  1 Y 1 A ASP 196 ? A ASP 182 
25  1 Y 1 A SER 197 ? A SER 183 
26  1 Y 1 A TYR 198 ? A TYR 184 
27  1 Y 1 A ILE 199 ? A ILE 185 
28  1 Y 1 A PRO 200 ? A PRO 186 
29  1 Y 1 A GLU 201 ? A GLU 187 
30  1 Y 1 A PRO 202 ? A PRO 188 
31  1 Y 1 A GLU 203 ? A GLU 189 
32  1 Y 1 A ARG 204 ? A ARG 190 
33  1 Y 1 A ALA 205 ? A ALA 191 
34  1 Y 1 A ILE 206 ? A ILE 192 
35  1 Y 1 A ASP 207 ? A ASP 193 
36  1 Y 1 A LYS 208 ? A LYS 194 
37  1 Y 1 A PRO 209 ? A PRO 195 
38  1 Y 1 A PHE 210 ? A PHE 196 
39  1 Y 1 A LEU 211 ? A LEU 197 
40  1 Y 1 A LEU 212 ? A LEU 198 
41  1 Y 1 A PRO 213 ? A PRO 199 
42  1 Y 1 A ILE 214 ? A ILE 200 
43  1 Y 1 A GLU 215 ? A GLU 201 
44  1 Y 1 A ASP 216 ? A ASP 202 
45  1 Y 1 A VAL 217 ? A VAL 203 
46  1 Y 1 A PHE 218 ? A PHE 204 
47  1 Y 1 A SER 219 ? A SER 205 
48  1 Y 1 A ILE 220 ? A ILE 206 
49  1 Y 1 A SER 221 ? A SER 207 
50  1 Y 1 A GLY 222 ? A GLY 208 
51  1 Y 1 A ARG 223 ? A ARG 209 
52  1 Y 1 A GLY 224 ? A GLY 210 
53  1 Y 1 A THR 225 ? A THR 211 
54  1 Y 1 A VAL 226 ? A VAL 212 
55  1 Y 1 A VAL 227 ? A VAL 213 
56  1 Y 1 A THR 228 ? A THR 214 
57  1 Y 1 A GLY 229 ? A GLY 215 
58  1 Y 1 A ARG 230 ? A ARG 216 
59  1 Y 1 A VAL 231 ? A VAL 217 
60  1 Y 1 A GLU 232 ? A GLU 218 
61  1 Y 1 A ARG 233 ? A ARG 219 
62  1 Y 1 A GLY 234 ? A GLY 220 
63  1 Y 1 A ILE 235 ? A ILE 221 
64  1 Y 1 A ILE 236 ? A ILE 222 
65  1 Y 1 A LYS 237 ? A LYS 223 
66  1 Y 1 A VAL 238 ? A VAL 224 
67  1 Y 1 A GLY 239 ? A GLY 225 
68  1 Y 1 A GLU 240 ? A GLU 226 
69  1 Y 1 A GLU 241 ? A GLU 227 
70  1 Y 1 A VAL 242 ? A VAL 228 
71  1 Y 1 A GLU 243 ? A GLU 229 
72  1 Y 1 A ILE 244 ? A ILE 230 
73  1 Y 1 A VAL 245 ? A VAL 231 
74  1 Y 1 A GLY 246 ? A GLY 232 
75  1 Y 1 A ILE 247 ? A ILE 233 
76  1 Y 1 A LYS 248 ? A LYS 234 
77  1 Y 1 A GLU 249 ? A GLU 235 
78  1 Y 1 A THR 250 ? A THR 236 
79  1 Y 1 A GLN 251 ? A GLN 237 
80  1 Y 1 A LYS 252 ? A LYS 238 
81  1 Y 1 A SER 253 ? A SER 239 
82  1 Y 1 A THR 254 ? A THR 240 
83  1 Y 1 A CYS 255 ? A CYS 241 
84  1 Y 1 A THR 256 ? A THR 242 
85  1 Y 1 A GLY 257 ? A GLY 243 
86  1 Y 1 A VAL 258 ? A VAL 244 
87  1 Y 1 A GLU 259 ? A GLU 245 
88  1 Y 1 A MET 260 ? A MET 246 
89  1 Y 1 A PHE 261 ? A PHE 247 
90  1 Y 1 A ARG 262 ? A ARG 248 
91  1 Y 1 A LYS 263 ? A LYS 249 
92  1 Y 1 A LEU 264 ? A LEU 250 
93  1 Y 1 A LEU 265 ? A LEU 251 
94  1 Y 1 A ASP 266 ? A ASP 252 
95  1 Y 1 A GLU 267 ? A GLU 253 
96  1 Y 1 A GLY 268 ? A GLY 254 
97  1 Y 1 A ARG 269 ? A ARG 255 
98  1 Y 1 A ALA 270 ? A ALA 256 
99  1 Y 1 A GLY 271 ? A GLY 257 
100 1 Y 1 A GLU 272 ? A GLU 258 
101 1 Y 1 A ASN 273 ? A ASN 259 
102 1 Y 1 A VAL 274 ? A VAL 260 
103 1 Y 1 A GLY 275 ? A GLY 261 
104 1 Y 1 A VAL 276 ? A VAL 262 
105 1 Y 1 A LEU 277 ? A LEU 263 
106 1 Y 1 A LEU 278 ? A LEU 264 
107 1 Y 1 A ARG 279 ? A ARG 265 
108 1 Y 1 A GLY 280 ? A GLY 266 
109 1 Y 1 A ILE 281 ? A ILE 267 
110 1 Y 1 A LYS 282 ? A LYS 268 
111 1 Y 1 A ARG 283 ? A ARG 269 
112 1 Y 1 A GLU 284 ? A GLU 270 
113 1 Y 1 A GLU 285 ? A GLU 271 
114 1 Y 1 A ILE 286 ? A ILE 272 
115 1 Y 1 A GLU 287 ? A GLU 273 
116 1 Y 1 A ARG 288 ? A ARG 274 
117 1 Y 1 A GLY 289 ? A GLY 275 
118 1 Y 1 A GLN 290 ? A GLN 276 
119 1 Y 1 A VAL 291 ? A VAL 277 
120 1 Y 1 A LEU 292 ? A LEU 278 
121 1 Y 1 A ALA 293 ? A ALA 279 
122 1 Y 1 A LYS 294 ? A LYS 280 
123 1 Y 1 A PRO 295 ? A PRO 281 
124 1 Y 1 A GLY 296 ? A GLY 282 
125 1 Y 1 A THR 297 ? A THR 283 
126 1 Y 1 A ILE 298 ? A ILE 284 
127 1 Y 1 A LYS 299 ? A LYS 285 
128 1 Y 1 A PRO 300 ? A PRO 286 
129 1 Y 1 A HIS 301 ? A HIS 287 
130 1 Y 1 A THR 302 ? A THR 288 
131 1 Y 1 A LYS 303 ? A LYS 289 
132 1 Y 1 A PHE 304 ? A PHE 290 
133 1 Y 1 A GLU 305 ? A GLU 291 
134 1 Y 1 A SER 306 ? A SER 292 
135 1 Y 1 A GLU 307 ? A GLU 293 
136 1 Y 1 A VAL 308 ? A VAL 294 
137 1 Y 1 A TYR 309 ? A TYR 295 
138 1 Y 1 A ILE 310 ? A ILE 296 
139 1 Y 1 A LEU 311 ? A LEU 297 
140 1 Y 1 A SER 312 ? A SER 298 
141 1 Y 1 A LYS 313 ? A LYS 299 
142 1 Y 1 A ASP 314 ? A ASP 300 
143 1 Y 1 A GLU 315 ? A GLU 301 
144 1 Y 1 A GLY 316 ? A GLY 302 
145 1 Y 1 A GLY 317 ? A GLY 303 
146 1 Y 1 A ARG 318 ? A ARG 304 
147 1 Y 1 A HIS 319 ? A HIS 305 
148 1 Y 1 A THR 320 ? A THR 306 
149 1 Y 1 A PRO 321 ? A PRO 307 
150 1 Y 1 A PHE 322 ? A PHE 308 
151 1 Y 1 A PHE 323 ? A PHE 309 
152 1 Y 1 A LYS 324 ? A LYS 310 
153 1 Y 1 A GLY 325 ? A GLY 311 
154 1 Y 1 A TYR 326 ? A TYR 312 
155 1 Y 1 A ARG 327 ? A ARG 313 
156 1 Y 1 A PRO 328 ? A PRO 314 
157 1 Y 1 A GLN 329 ? A GLN 315 
158 1 Y 1 A PHE 330 ? A PHE 316 
159 1 Y 1 A TYR 331 ? A TYR 317 
160 1 Y 1 A PHE 332 ? A PHE 318 
161 1 Y 1 A ARG 333 ? A ARG 319 
162 1 Y 1 A THR 334 ? A THR 320 
163 1 Y 1 A THR 335 ? A THR 321 
164 1 Y 1 A ASP 336 ? A ASP 322 
165 1 Y 1 A VAL 337 ? A VAL 323 
166 1 Y 1 A THR 338 ? A THR 324 
167 1 Y 1 A GLY 339 ? A GLY 325 
168 1 Y 1 A THR 340 ? A THR 326 
169 1 Y 1 A ILE 341 ? A ILE 327 
170 1 Y 1 A GLU 342 ? A GLU 328 
171 1 Y 1 A LEU 343 ? A LEU 329 
172 1 Y 1 A PRO 344 ? A PRO 330 
173 1 Y 1 A GLU 345 ? A GLU 331 
174 1 Y 1 A GLY 346 ? A GLY 332 
175 1 Y 1 A VAL 347 ? A VAL 333 
176 1 Y 1 A GLU 348 ? A GLU 334 
177 1 Y 1 A MET 349 ? A MET 335 
178 1 Y 1 A VAL 350 ? A VAL 336 
179 1 Y 1 A MET 351 ? A MET 337 
180 1 Y 1 A PRO 352 ? A PRO 338 
181 1 Y 1 A GLY 353 ? A GLY 339 
182 1 Y 1 A ASP 354 ? A ASP 340 
183 1 Y 1 A ASN 355 ? A ASN 341 
184 1 Y 1 A ILE 356 ? A ILE 342 
185 1 Y 1 A LYS 357 ? A LYS 343 
186 1 Y 1 A MET 358 ? A MET 344 
187 1 Y 1 A VAL 359 ? A VAL 345 
188 1 Y 1 A VAL 360 ? A VAL 346 
189 1 Y 1 A THR 361 ? A THR 347 
190 1 Y 1 A LEU 362 ? A LEU 348 
191 1 Y 1 A ILE 363 ? A ILE 349 
192 1 Y 1 A HIS 364 ? A HIS 350 
193 1 Y 1 A PRO 365 ? A PRO 351 
194 1 Y 1 A ILE 366 ? A ILE 352 
195 1 Y 1 A ALA 367 ? A ALA 353 
196 1 Y 1 A MET 368 ? A MET 354 
197 1 Y 1 A ASP 369 ? A ASP 355 
198 1 Y 1 A ASP 370 ? A ASP 356 
199 1 Y 1 A GLY 371 ? A GLY 357 
200 1 Y 1 A LEU 372 ? A LEU 358 
201 1 Y 1 A ARG 373 ? A ARG 359 
202 1 Y 1 A PHE 374 ? A PHE 360 
203 1 Y 1 A ALA 375 ? A ALA 361 
204 1 Y 1 A ILE 376 ? A ILE 362 
205 1 Y 1 A ARG 377 ? A ARG 363 
206 1 Y 1 A GLU 378 ? A GLU 364 
207 1 Y 1 A GLY 379 ? A GLY 365 
208 1 Y 1 A GLY 380 ? A GLY 366 
209 1 Y 1 A ARG 381 ? A ARG 367 
210 1 Y 1 A THR 382 ? A THR 368 
211 1 Y 1 A VAL 383 ? A VAL 369 
212 1 Y 1 A GLY 384 ? A GLY 370 
213 1 Y 1 A ALA 385 ? A ALA 371 
214 1 Y 1 A GLY 386 ? A GLY 372 
215 1 Y 1 A VAL 387 ? A VAL 373 
216 1 Y 1 A VAL 388 ? A VAL 374 
217 1 Y 1 A ALA 389 ? A ALA 375 
218 1 Y 1 A LYS 390 ? A LYS 376 
219 1 Y 1 A VAL 391 ? A VAL 377 
220 1 Y 1 A LEU 392 ? A LEU 378 
221 1 Y 1 A SER 393 ? A SER 379 
# 
loop_
_chem_comp_atom.comp_id 
_chem_comp_atom.atom_id 
_chem_comp_atom.type_symbol 
_chem_comp_atom.pdbx_aromatic_flag 
_chem_comp_atom.pdbx_stereo_config 
_chem_comp_atom.pdbx_ordinal 
ALA N      N  N N 1   
ALA CA     C  N S 2   
ALA C      C  N N 3   
ALA O      O  N N 4   
ALA CB     C  N N 5   
ALA OXT    O  N N 6   
ALA H      H  N N 7   
ALA H2     H  N N 8   
ALA HA     H  N N 9   
ALA HB1    H  N N 10  
ALA HB2    H  N N 11  
ALA HB3    H  N N 12  
ALA HXT    H  N N 13  
ARG N      N  N N 14  
ARG CA     C  N S 15  
ARG C      C  N N 16  
ARG O      O  N N 17  
ARG CB     C  N N 18  
ARG CG     C  N N 19  
ARG CD     C  N N 20  
ARG NE     N  N N 21  
ARG CZ     C  N N 22  
ARG NH1    N  N N 23  
ARG NH2    N  N N 24  
ARG OXT    O  N N 25  
ARG H      H  N N 26  
ARG H2     H  N N 27  
ARG HA     H  N N 28  
ARG HB2    H  N N 29  
ARG HB3    H  N N 30  
ARG HG2    H  N N 31  
ARG HG3    H  N N 32  
ARG HD2    H  N N 33  
ARG HD3    H  N N 34  
ARG HE     H  N N 35  
ARG HH11   H  N N 36  
ARG HH12   H  N N 37  
ARG HH21   H  N N 38  
ARG HH22   H  N N 39  
ARG HXT    H  N N 40  
ASN N      N  N N 41  
ASN CA     C  N S 42  
ASN C      C  N N 43  
ASN O      O  N N 44  
ASN CB     C  N N 45  
ASN CG     C  N N 46  
ASN OD1    O  N N 47  
ASN ND2    N  N N 48  
ASN OXT    O  N N 49  
ASN H      H  N N 50  
ASN H2     H  N N 51  
ASN HA     H  N N 52  
ASN HB2    H  N N 53  
ASN HB3    H  N N 54  
ASN HD21   H  N N 55  
ASN HD22   H  N N 56  
ASN HXT    H  N N 57  
ASP N      N  N N 58  
ASP CA     C  N S 59  
ASP C      C  N N 60  
ASP O      O  N N 61  
ASP CB     C  N N 62  
ASP CG     C  N N 63  
ASP OD1    O  N N 64  
ASP OD2    O  N N 65  
ASP OXT    O  N N 66  
ASP H      H  N N 67  
ASP H2     H  N N 68  
ASP HA     H  N N 69  
ASP HB2    H  N N 70  
ASP HB3    H  N N 71  
ASP HD2    H  N N 72  
ASP HXT    H  N N 73  
CYS N      N  N N 74  
CYS CA     C  N R 75  
CYS C      C  N N 76  
CYS O      O  N N 77  
CYS CB     C  N N 78  
CYS SG     S  N N 79  
CYS OXT    O  N N 80  
CYS H      H  N N 81  
CYS H2     H  N N 82  
CYS HA     H  N N 83  
CYS HB2    H  N N 84  
CYS HB3    H  N N 85  
CYS HG     H  N N 86  
CYS HXT    H  N N 87  
GDP PB     P  N N 88  
GDP O1B    O  N N 89  
GDP O2B    O  N N 90  
GDP O3B    O  N N 91  
GDP O3A    O  N N 92  
GDP PA     P  N N 93  
GDP O1A    O  N N 94  
GDP O2A    O  N N 95  
GDP "O5'"  O  N N 96  
GDP "C5'"  C  N N 97  
GDP "C4'"  C  N R 98  
GDP "O4'"  O  N N 99  
GDP "C3'"  C  N S 100 
GDP "O3'"  O  N N 101 
GDP "C2'"  C  N R 102 
GDP "O2'"  O  N N 103 
GDP "C1'"  C  N R 104 
GDP N9     N  Y N 105 
GDP C8     C  Y N 106 
GDP N7     N  Y N 107 
GDP C5     C  Y N 108 
GDP C6     C  N N 109 
GDP O6     O  N N 110 
GDP N1     N  N N 111 
GDP C2     C  N N 112 
GDP N2     N  N N 113 
GDP N3     N  N N 114 
GDP C4     C  Y N 115 
GDP HOB2   H  N N 116 
GDP HOB3   H  N N 117 
GDP HOA2   H  N N 118 
GDP "H5'"  H  N N 119 
GDP "H5''" H  N N 120 
GDP "H4'"  H  N N 121 
GDP "H3'"  H  N N 122 
GDP "HO3'" H  N N 123 
GDP "H2'"  H  N N 124 
GDP "HO2'" H  N N 125 
GDP "H1'"  H  N N 126 
GDP H8     H  N N 127 
GDP HN1    H  N N 128 
GDP HN21   H  N N 129 
GDP HN22   H  N N 130 
GLN N      N  N N 131 
GLN CA     C  N S 132 
GLN C      C  N N 133 
GLN O      O  N N 134 
GLN CB     C  N N 135 
GLN CG     C  N N 136 
GLN CD     C  N N 137 
GLN OE1    O  N N 138 
GLN NE2    N  N N 139 
GLN OXT    O  N N 140 
GLN H      H  N N 141 
GLN H2     H  N N 142 
GLN HA     H  N N 143 
GLN HB2    H  N N 144 
GLN HB3    H  N N 145 
GLN HG2    H  N N 146 
GLN HG3    H  N N 147 
GLN HE21   H  N N 148 
GLN HE22   H  N N 149 
GLN HXT    H  N N 150 
GLU N      N  N N 151 
GLU CA     C  N S 152 
GLU C      C  N N 153 
GLU O      O  N N 154 
GLU CB     C  N N 155 
GLU CG     C  N N 156 
GLU CD     C  N N 157 
GLU OE1    O  N N 158 
GLU OE2    O  N N 159 
GLU OXT    O  N N 160 
GLU H      H  N N 161 
GLU H2     H  N N 162 
GLU HA     H  N N 163 
GLU HB2    H  N N 164 
GLU HB3    H  N N 165 
GLU HG2    H  N N 166 
GLU HG3    H  N N 167 
GLU HE2    H  N N 168 
GLU HXT    H  N N 169 
GLY N      N  N N 170 
GLY CA     C  N N 171 
GLY C      C  N N 172 
GLY O      O  N N 173 
GLY OXT    O  N N 174 
GLY H      H  N N 175 
GLY H2     H  N N 176 
GLY HA2    H  N N 177 
GLY HA3    H  N N 178 
GLY HXT    H  N N 179 
HIS N      N  N N 180 
HIS CA     C  N S 181 
HIS C      C  N N 182 
HIS O      O  N N 183 
HIS CB     C  N N 184 
HIS CG     C  Y N 185 
HIS ND1    N  Y N 186 
HIS CD2    C  Y N 187 
HIS CE1    C  Y N 188 
HIS NE2    N  Y N 189 
HIS OXT    O  N N 190 
HIS H      H  N N 191 
HIS H2     H  N N 192 
HIS HA     H  N N 193 
HIS HB2    H  N N 194 
HIS HB3    H  N N 195 
HIS HD1    H  N N 196 
HIS HD2    H  N N 197 
HIS HE1    H  N N 198 
HIS HE2    H  N N 199 
HIS HXT    H  N N 200 
ILE N      N  N N 201 
ILE CA     C  N S 202 
ILE C      C  N N 203 
ILE O      O  N N 204 
ILE CB     C  N S 205 
ILE CG1    C  N N 206 
ILE CG2    C  N N 207 
ILE CD1    C  N N 208 
ILE OXT    O  N N 209 
ILE H      H  N N 210 
ILE H2     H  N N 211 
ILE HA     H  N N 212 
ILE HB     H  N N 213 
ILE HG12   H  N N 214 
ILE HG13   H  N N 215 
ILE HG21   H  N N 216 
ILE HG22   H  N N 217 
ILE HG23   H  N N 218 
ILE HD11   H  N N 219 
ILE HD12   H  N N 220 
ILE HD13   H  N N 221 
ILE HXT    H  N N 222 
LEU N      N  N N 223 
LEU CA     C  N S 224 
LEU C      C  N N 225 
LEU O      O  N N 226 
LEU CB     C  N N 227 
LEU CG     C  N N 228 
LEU CD1    C  N N 229 
LEU CD2    C  N N 230 
LEU OXT    O  N N 231 
LEU H      H  N N 232 
LEU H2     H  N N 233 
LEU HA     H  N N 234 
LEU HB2    H  N N 235 
LEU HB3    H  N N 236 
LEU HG     H  N N 237 
LEU HD11   H  N N 238 
LEU HD12   H  N N 239 
LEU HD13   H  N N 240 
LEU HD21   H  N N 241 
LEU HD22   H  N N 242 
LEU HD23   H  N N 243 
LEU HXT    H  N N 244 
LYS N      N  N N 245 
LYS CA     C  N S 246 
LYS C      C  N N 247 
LYS O      O  N N 248 
LYS CB     C  N N 249 
LYS CG     C  N N 250 
LYS CD     C  N N 251 
LYS CE     C  N N 252 
LYS NZ     N  N N 253 
LYS OXT    O  N N 254 
LYS H      H  N N 255 
LYS H2     H  N N 256 
LYS HA     H  N N 257 
LYS HB2    H  N N 258 
LYS HB3    H  N N 259 
LYS HG2    H  N N 260 
LYS HG3    H  N N 261 
LYS HD2    H  N N 262 
LYS HD3    H  N N 263 
LYS HE2    H  N N 264 
LYS HE3    H  N N 265 
LYS HZ1    H  N N 266 
LYS HZ2    H  N N 267 
LYS HZ3    H  N N 268 
LYS HXT    H  N N 269 
MET N      N  N N 270 
MET CA     C  N S 271 
MET C      C  N N 272 
MET O      O  N N 273 
MET CB     C  N N 274 
MET CG     C  N N 275 
MET SD     S  N N 276 
MET CE     C  N N 277 
MET OXT    O  N N 278 
MET H      H  N N 279 
MET H2     H  N N 280 
MET HA     H  N N 281 
MET HB2    H  N N 282 
MET HB3    H  N N 283 
MET HG2    H  N N 284 
MET HG3    H  N N 285 
MET HE1    H  N N 286 
MET HE2    H  N N 287 
MET HE3    H  N N 288 
MET HXT    H  N N 289 
MG  MG     MG N N 290 
PHE N      N  N N 291 
PHE CA     C  N S 292 
PHE C      C  N N 293 
PHE O      O  N N 294 
PHE CB     C  N N 295 
PHE CG     C  Y N 296 
PHE CD1    C  Y N 297 
PHE CD2    C  Y N 298 
PHE CE1    C  Y N 299 
PHE CE2    C  Y N 300 
PHE CZ     C  Y N 301 
PHE OXT    O  N N 302 
PHE H      H  N N 303 
PHE H2     H  N N 304 
PHE HA     H  N N 305 
PHE HB2    H  N N 306 
PHE HB3    H  N N 307 
PHE HD1    H  N N 308 
PHE HD2    H  N N 309 
PHE HE1    H  N N 310 
PHE HE2    H  N N 311 
PHE HZ     H  N N 312 
PHE HXT    H  N N 313 
PRO N      N  N N 314 
PRO CA     C  N S 315 
PRO C      C  N N 316 
PRO O      O  N N 317 
PRO CB     C  N N 318 
PRO CG     C  N N 319 
PRO CD     C  N N 320 
PRO OXT    O  N N 321 
PRO H      H  N N 322 
PRO HA     H  N N 323 
PRO HB2    H  N N 324 
PRO HB3    H  N N 325 
PRO HG2    H  N N 326 
PRO HG3    H  N N 327 
PRO HD2    H  N N 328 
PRO HD3    H  N N 329 
PRO HXT    H  N N 330 
SER N      N  N N 331 
SER CA     C  N S 332 
SER C      C  N N 333 
SER O      O  N N 334 
SER CB     C  N N 335 
SER OG     O  N N 336 
SER OXT    O  N N 337 
SER H      H  N N 338 
SER H2     H  N N 339 
SER HA     H  N N 340 
SER HB2    H  N N 341 
SER HB3    H  N N 342 
SER HG     H  N N 343 
SER HXT    H  N N 344 
THR N      N  N N 345 
THR CA     C  N S 346 
THR C      C  N N 347 
THR O      O  N N 348 
THR CB     C  N R 349 
THR OG1    O  N N 350 
THR CG2    C  N N 351 
THR OXT    O  N N 352 
THR H      H  N N 353 
THR H2     H  N N 354 
THR HA     H  N N 355 
THR HB     H  N N 356 
THR HG1    H  N N 357 
THR HG21   H  N N 358 
THR HG22   H  N N 359 
THR HG23   H  N N 360 
THR HXT    H  N N 361 
TRP N      N  N N 362 
TRP CA     C  N S 363 
TRP C      C  N N 364 
TRP O      O  N N 365 
TRP CB     C  N N 366 
TRP CG     C  Y N 367 
TRP CD1    C  Y N 368 
TRP CD2    C  Y N 369 
TRP NE1    N  Y N 370 
TRP CE2    C  Y N 371 
TRP CE3    C  Y N 372 
TRP CZ2    C  Y N 373 
TRP CZ3    C  Y N 374 
TRP CH2    C  Y N 375 
TRP OXT    O  N N 376 
TRP H      H  N N 377 
TRP H2     H  N N 378 
TRP HA     H  N N 379 
TRP HB2    H  N N 380 
TRP HB3    H  N N 381 
TRP HD1    H  N N 382 
TRP HE1    H  N N 383 
TRP HE3    H  N N 384 
TRP HZ2    H  N N 385 
TRP HZ3    H  N N 386 
TRP HH2    H  N N 387 
TRP HXT    H  N N 388 
TYR N      N  N N 389 
TYR CA     C  N S 390 
TYR C      C  N N 391 
TYR O      O  N N 392 
TYR CB     C  N N 393 
TYR CG     C  Y N 394 
TYR CD1    C  Y N 395 
TYR CD2    C  Y N 396 
TYR CE1    C  Y N 397 
TYR CE2    C  Y N 398 
TYR CZ     C  Y N 399 
TYR OH     O  N N 400 
TYR OXT    O  N N 401 
TYR H      H  N N 402 
TYR H2     H  N N 403 
TYR HA     H  N N 404 
TYR HB2    H  N N 405 
TYR HB3    H  N N 406 
TYR HD1    H  N N 407 
TYR HD2    H  N N 408 
TYR HE1    H  N N 409 
TYR HE2    H  N N 410 
TYR HH     H  N N 411 
TYR HXT    H  N N 412 
VAL N      N  N N 413 
VAL CA     C  N S 414 
VAL C      C  N N 415 
VAL O      O  N N 416 
VAL CB     C  N N 417 
VAL CG1    C  N N 418 
VAL CG2    C  N N 419 
VAL OXT    O  N N 420 
VAL H      H  N N 421 
VAL H2     H  N N 422 
VAL HA     H  N N 423 
VAL HB     H  N N 424 
VAL HG11   H  N N 425 
VAL HG12   H  N N 426 
VAL HG13   H  N N 427 
VAL HG21   H  N N 428 
VAL HG22   H  N N 429 
VAL HG23   H  N N 430 
VAL HXT    H  N N 431 
# 
loop_
_chem_comp_bond.comp_id 
_chem_comp_bond.atom_id_1 
_chem_comp_bond.atom_id_2 
_chem_comp_bond.value_order 
_chem_comp_bond.pdbx_aromatic_flag 
_chem_comp_bond.pdbx_stereo_config 
_chem_comp_bond.pdbx_ordinal 
ALA N     CA     sing N N 1   
ALA N     H      sing N N 2   
ALA N     H2     sing N N 3   
ALA CA    C      sing N N 4   
ALA CA    CB     sing N N 5   
ALA CA    HA     sing N N 6   
ALA C     O      doub N N 7   
ALA C     OXT    sing N N 8   
ALA CB    HB1    sing N N 9   
ALA CB    HB2    sing N N 10  
ALA CB    HB3    sing N N 11  
ALA OXT   HXT    sing N N 12  
ARG N     CA     sing N N 13  
ARG N     H      sing N N 14  
ARG N     H2     sing N N 15  
ARG CA    C      sing N N 16  
ARG CA    CB     sing N N 17  
ARG CA    HA     sing N N 18  
ARG C     O      doub N N 19  
ARG C     OXT    sing N N 20  
ARG CB    CG     sing N N 21  
ARG CB    HB2    sing N N 22  
ARG CB    HB3    sing N N 23  
ARG CG    CD     sing N N 24  
ARG CG    HG2    sing N N 25  
ARG CG    HG3    sing N N 26  
ARG CD    NE     sing N N 27  
ARG CD    HD2    sing N N 28  
ARG CD    HD3    sing N N 29  
ARG NE    CZ     sing N N 30  
ARG NE    HE     sing N N 31  
ARG CZ    NH1    sing N N 32  
ARG CZ    NH2    doub N N 33  
ARG NH1   HH11   sing N N 34  
ARG NH1   HH12   sing N N 35  
ARG NH2   HH21   sing N N 36  
ARG NH2   HH22   sing N N 37  
ARG OXT   HXT    sing N N 38  
ASN N     CA     sing N N 39  
ASN N     H      sing N N 40  
ASN N     H2     sing N N 41  
ASN CA    C      sing N N 42  
ASN CA    CB     sing N N 43  
ASN CA    HA     sing N N 44  
ASN C     O      doub N N 45  
ASN C     OXT    sing N N 46  
ASN CB    CG     sing N N 47  
ASN CB    HB2    sing N N 48  
ASN CB    HB3    sing N N 49  
ASN CG    OD1    doub N N 50  
ASN CG    ND2    sing N N 51  
ASN ND2   HD21   sing N N 52  
ASN ND2   HD22   sing N N 53  
ASN OXT   HXT    sing N N 54  
ASP N     CA     sing N N 55  
ASP N     H      sing N N 56  
ASP N     H2     sing N N 57  
ASP CA    C      sing N N 58  
ASP CA    CB     sing N N 59  
ASP CA    HA     sing N N 60  
ASP C     O      doub N N 61  
ASP C     OXT    sing N N 62  
ASP CB    CG     sing N N 63  
ASP CB    HB2    sing N N 64  
ASP CB    HB3    sing N N 65  
ASP CG    OD1    doub N N 66  
ASP CG    OD2    sing N N 67  
ASP OD2   HD2    sing N N 68  
ASP OXT   HXT    sing N N 69  
CYS N     CA     sing N N 70  
CYS N     H      sing N N 71  
CYS N     H2     sing N N 72  
CYS CA    C      sing N N 73  
CYS CA    CB     sing N N 74  
CYS CA    HA     sing N N 75  
CYS C     O      doub N N 76  
CYS C     OXT    sing N N 77  
CYS CB    SG     sing N N 78  
CYS CB    HB2    sing N N 79  
CYS CB    HB3    sing N N 80  
CYS SG    HG     sing N N 81  
CYS OXT   HXT    sing N N 82  
GDP PB    O1B    doub N N 83  
GDP PB    O2B    sing N N 84  
GDP PB    O3B    sing N N 85  
GDP PB    O3A    sing N N 86  
GDP O2B   HOB2   sing N N 87  
GDP O3B   HOB3   sing N N 88  
GDP O3A   PA     sing N N 89  
GDP PA    O1A    doub N N 90  
GDP PA    O2A    sing N N 91  
GDP PA    "O5'"  sing N N 92  
GDP O2A   HOA2   sing N N 93  
GDP "O5'" "C5'"  sing N N 94  
GDP "C5'" "C4'"  sing N N 95  
GDP "C5'" "H5'"  sing N N 96  
GDP "C5'" "H5''" sing N N 97  
GDP "C4'" "O4'"  sing N N 98  
GDP "C4'" "C3'"  sing N N 99  
GDP "C4'" "H4'"  sing N N 100 
GDP "O4'" "C1'"  sing N N 101 
GDP "C3'" "O3'"  sing N N 102 
GDP "C3'" "C2'"  sing N N 103 
GDP "C3'" "H3'"  sing N N 104 
GDP "O3'" "HO3'" sing N N 105 
GDP "C2'" "O2'"  sing N N 106 
GDP "C2'" "C1'"  sing N N 107 
GDP "C2'" "H2'"  sing N N 108 
GDP "O2'" "HO2'" sing N N 109 
GDP "C1'" N9     sing N N 110 
GDP "C1'" "H1'"  sing N N 111 
GDP N9    C8     sing Y N 112 
GDP N9    C4     sing Y N 113 
GDP C8    N7     doub Y N 114 
GDP C8    H8     sing N N 115 
GDP N7    C5     sing Y N 116 
GDP C5    C6     sing N N 117 
GDP C5    C4     doub Y N 118 
GDP C6    O6     doub N N 119 
GDP C6    N1     sing N N 120 
GDP N1    C2     sing N N 121 
GDP N1    HN1    sing N N 122 
GDP C2    N2     sing N N 123 
GDP C2    N3     doub N N 124 
GDP N2    HN21   sing N N 125 
GDP N2    HN22   sing N N 126 
GDP N3    C4     sing N N 127 
GLN N     CA     sing N N 128 
GLN N     H      sing N N 129 
GLN N     H2     sing N N 130 
GLN CA    C      sing N N 131 
GLN CA    CB     sing N N 132 
GLN CA    HA     sing N N 133 
GLN C     O      doub N N 134 
GLN C     OXT    sing N N 135 
GLN CB    CG     sing N N 136 
GLN CB    HB2    sing N N 137 
GLN CB    HB3    sing N N 138 
GLN CG    CD     sing N N 139 
GLN CG    HG2    sing N N 140 
GLN CG    HG3    sing N N 141 
GLN CD    OE1    doub N N 142 
GLN CD    NE2    sing N N 143 
GLN NE2   HE21   sing N N 144 
GLN NE2   HE22   sing N N 145 
GLN OXT   HXT    sing N N 146 
GLU N     CA     sing N N 147 
GLU N     H      sing N N 148 
GLU N     H2     sing N N 149 
GLU CA    C      sing N N 150 
GLU CA    CB     sing N N 151 
GLU CA    HA     sing N N 152 
GLU C     O      doub N N 153 
GLU C     OXT    sing N N 154 
GLU CB    CG     sing N N 155 
GLU CB    HB2    sing N N 156 
GLU CB    HB3    sing N N 157 
GLU CG    CD     sing N N 158 
GLU CG    HG2    sing N N 159 
GLU CG    HG3    sing N N 160 
GLU CD    OE1    doub N N 161 
GLU CD    OE2    sing N N 162 
GLU OE2   HE2    sing N N 163 
GLU OXT   HXT    sing N N 164 
GLY N     CA     sing N N 165 
GLY N     H      sing N N 166 
GLY N     H2     sing N N 167 
GLY CA    C      sing N N 168 
GLY CA    HA2    sing N N 169 
GLY CA    HA3    sing N N 170 
GLY C     O      doub N N 171 
GLY C     OXT    sing N N 172 
GLY OXT   HXT    sing N N 173 
HIS N     CA     sing N N 174 
HIS N     H      sing N N 175 
HIS N     H2     sing N N 176 
HIS CA    C      sing N N 177 
HIS CA    CB     sing N N 178 
HIS CA    HA     sing N N 179 
HIS C     O      doub N N 180 
HIS C     OXT    sing N N 181 
HIS CB    CG     sing N N 182 
HIS CB    HB2    sing N N 183 
HIS CB    HB3    sing N N 184 
HIS CG    ND1    sing Y N 185 
HIS CG    CD2    doub Y N 186 
HIS ND1   CE1    doub Y N 187 
HIS ND1   HD1    sing N N 188 
HIS CD2   NE2    sing Y N 189 
HIS CD2   HD2    sing N N 190 
HIS CE1   NE2    sing Y N 191 
HIS CE1   HE1    sing N N 192 
HIS NE2   HE2    sing N N 193 
HIS OXT   HXT    sing N N 194 
ILE N     CA     sing N N 195 
ILE N     H      sing N N 196 
ILE N     H2     sing N N 197 
ILE CA    C      sing N N 198 
ILE CA    CB     sing N N 199 
ILE CA    HA     sing N N 200 
ILE C     O      doub N N 201 
ILE C     OXT    sing N N 202 
ILE CB    CG1    sing N N 203 
ILE CB    CG2    sing N N 204 
ILE CB    HB     sing N N 205 
ILE CG1   CD1    sing N N 206 
ILE CG1   HG12   sing N N 207 
ILE CG1   HG13   sing N N 208 
ILE CG2   HG21   sing N N 209 
ILE CG2   HG22   sing N N 210 
ILE CG2   HG23   sing N N 211 
ILE CD1   HD11   sing N N 212 
ILE CD1   HD12   sing N N 213 
ILE CD1   HD13   sing N N 214 
ILE OXT   HXT    sing N N 215 
LEU N     CA     sing N N 216 
LEU N     H      sing N N 217 
LEU N     H2     sing N N 218 
LEU CA    C      sing N N 219 
LEU CA    CB     sing N N 220 
LEU CA    HA     sing N N 221 
LEU C     O      doub N N 222 
LEU C     OXT    sing N N 223 
LEU CB    CG     sing N N 224 
LEU CB    HB2    sing N N 225 
LEU CB    HB3    sing N N 226 
LEU CG    CD1    sing N N 227 
LEU CG    CD2    sing N N 228 
LEU CG    HG     sing N N 229 
LEU CD1   HD11   sing N N 230 
LEU CD1   HD12   sing N N 231 
LEU CD1   HD13   sing N N 232 
LEU CD2   HD21   sing N N 233 
LEU CD2   HD22   sing N N 234 
LEU CD2   HD23   sing N N 235 
LEU OXT   HXT    sing N N 236 
LYS N     CA     sing N N 237 
LYS N     H      sing N N 238 
LYS N     H2     sing N N 239 
LYS CA    C      sing N N 240 
LYS CA    CB     sing N N 241 
LYS CA    HA     sing N N 242 
LYS C     O      doub N N 243 
LYS C     OXT    sing N N 244 
LYS CB    CG     sing N N 245 
LYS CB    HB2    sing N N 246 
LYS CB    HB3    sing N N 247 
LYS CG    CD     sing N N 248 
LYS CG    HG2    sing N N 249 
LYS CG    HG3    sing N N 250 
LYS CD    CE     sing N N 251 
LYS CD    HD2    sing N N 252 
LYS CD    HD3    sing N N 253 
LYS CE    NZ     sing N N 254 
LYS CE    HE2    sing N N 255 
LYS CE    HE3    sing N N 256 
LYS NZ    HZ1    sing N N 257 
LYS NZ    HZ2    sing N N 258 
LYS NZ    HZ3    sing N N 259 
LYS OXT   HXT    sing N N 260 
MET N     CA     sing N N 261 
MET N     H      sing N N 262 
MET N     H2     sing N N 263 
MET CA    C      sing N N 264 
MET CA    CB     sing N N 265 
MET CA    HA     sing N N 266 
MET C     O      doub N N 267 
MET C     OXT    sing N N 268 
MET CB    CG     sing N N 269 
MET CB    HB2    sing N N 270 
MET CB    HB3    sing N N 271 
MET CG    SD     sing N N 272 
MET CG    HG2    sing N N 273 
MET CG    HG3    sing N N 274 
MET SD    CE     sing N N 275 
MET CE    HE1    sing N N 276 
MET CE    HE2    sing N N 277 
MET CE    HE3    sing N N 278 
MET OXT   HXT    sing N N 279 
PHE N     CA     sing N N 280 
PHE N     H      sing N N 281 
PHE N     H2     sing N N 282 
PHE CA    C      sing N N 283 
PHE CA    CB     sing N N 284 
PHE CA    HA     sing N N 285 
PHE C     O      doub N N 286 
PHE C     OXT    sing N N 287 
PHE CB    CG     sing N N 288 
PHE CB    HB2    sing N N 289 
PHE CB    HB3    sing N N 290 
PHE CG    CD1    doub Y N 291 
PHE CG    CD2    sing Y N 292 
PHE CD1   CE1    sing Y N 293 
PHE CD1   HD1    sing N N 294 
PHE CD2   CE2    doub Y N 295 
PHE CD2   HD2    sing N N 296 
PHE CE1   CZ     doub Y N 297 
PHE CE1   HE1    sing N N 298 
PHE CE2   CZ     sing Y N 299 
PHE CE2   HE2    sing N N 300 
PHE CZ    HZ     sing N N 301 
PHE OXT   HXT    sing N N 302 
PRO N     CA     sing N N 303 
PRO N     CD     sing N N 304 
PRO N     H      sing N N 305 
PRO CA    C      sing N N 306 
PRO CA    CB     sing N N 307 
PRO CA    HA     sing N N 308 
PRO C     O      doub N N 309 
PRO C     OXT    sing N N 310 
PRO CB    CG     sing N N 311 
PRO CB    HB2    sing N N 312 
PRO CB    HB3    sing N N 313 
PRO CG    CD     sing N N 314 
PRO CG    HG2    sing N N 315 
PRO CG    HG3    sing N N 316 
PRO CD    HD2    sing N N 317 
PRO CD    HD3    sing N N 318 
PRO OXT   HXT    sing N N 319 
SER N     CA     sing N N 320 
SER N     H      sing N N 321 
SER N     H2     sing N N 322 
SER CA    C      sing N N 323 
SER CA    CB     sing N N 324 
SER CA    HA     sing N N 325 
SER C     O      doub N N 326 
SER C     OXT    sing N N 327 
SER CB    OG     sing N N 328 
SER CB    HB2    sing N N 329 
SER CB    HB3    sing N N 330 
SER OG    HG     sing N N 331 
SER OXT   HXT    sing N N 332 
THR N     CA     sing N N 333 
THR N     H      sing N N 334 
THR N     H2     sing N N 335 
THR CA    C      sing N N 336 
THR CA    CB     sing N N 337 
THR CA    HA     sing N N 338 
THR C     O      doub N N 339 
THR C     OXT    sing N N 340 
THR CB    OG1    sing N N 341 
THR CB    CG2    sing N N 342 
THR CB    HB     sing N N 343 
THR OG1   HG1    sing N N 344 
THR CG2   HG21   sing N N 345 
THR CG2   HG22   sing N N 346 
THR CG2   HG23   sing N N 347 
THR OXT   HXT    sing N N 348 
TRP N     CA     sing N N 349 
TRP N     H      sing N N 350 
TRP N     H2     sing N N 351 
TRP CA    C      sing N N 352 
TRP CA    CB     sing N N 353 
TRP CA    HA     sing N N 354 
TRP C     O      doub N N 355 
TRP C     OXT    sing N N 356 
TRP CB    CG     sing N N 357 
TRP CB    HB2    sing N N 358 
TRP CB    HB3    sing N N 359 
TRP CG    CD1    doub Y N 360 
TRP CG    CD2    sing Y N 361 
TRP CD1   NE1    sing Y N 362 
TRP CD1   HD1    sing N N 363 
TRP CD2   CE2    doub Y N 364 
TRP CD2   CE3    sing Y N 365 
TRP NE1   CE2    sing Y N 366 
TRP NE1   HE1    sing N N 367 
TRP CE2   CZ2    sing Y N 368 
TRP CE3   CZ3    doub Y N 369 
TRP CE3   HE3    sing N N 370 
TRP CZ2   CH2    doub Y N 371 
TRP CZ2   HZ2    sing N N 372 
TRP CZ3   CH2    sing Y N 373 
TRP CZ3   HZ3    sing N N 374 
TRP CH2   HH2    sing N N 375 
TRP OXT   HXT    sing N N 376 
TYR N     CA     sing N N 377 
TYR N     H      sing N N 378 
TYR N     H2     sing N N 379 
TYR CA    C      sing N N 380 
TYR CA    CB     sing N N 381 
TYR CA    HA     sing N N 382 
TYR C     O      doub N N 383 
TYR C     OXT    sing N N 384 
TYR CB    CG     sing N N 385 
TYR CB    HB2    sing N N 386 
TYR CB    HB3    sing N N 387 
TYR CG    CD1    doub Y N 388 
TYR CG    CD2    sing Y N 389 
TYR CD1   CE1    sing Y N 390 
TYR CD1   HD1    sing N N 391 
TYR CD2   CE2    doub Y N 392 
TYR CD2   HD2    sing N N 393 
TYR CE1   CZ     doub Y N 394 
TYR CE1   HE1    sing N N 395 
TYR CE2   CZ     sing Y N 396 
TYR CE2   HE2    sing N N 397 
TYR CZ    OH     sing N N 398 
TYR OH    HH     sing N N 399 
TYR OXT   HXT    sing N N 400 
VAL N     CA     sing N N 401 
VAL N     H      sing N N 402 
VAL N     H2     sing N N 403 
VAL CA    C      sing N N 404 
VAL CA    CB     sing N N 405 
VAL CA    HA     sing N N 406 
VAL C     O      doub N N 407 
VAL C     OXT    sing N N 408 
VAL CB    CG1    sing N N 409 
VAL CB    CG2    sing N N 410 
VAL CB    HB     sing N N 411 
VAL CG1   HG11   sing N N 412 
VAL CG1   HG12   sing N N 413 
VAL CG1   HG13   sing N N 414 
VAL CG2   HG21   sing N N 415 
VAL CG2   HG22   sing N N 416 
VAL CG2   HG23   sing N N 417 
VAL OXT   HXT    sing N N 418 
# 
_pdbx_coordinate_model.asym_id   A 
_pdbx_coordinate_model.type      'CA ATOMS ONLY' 
# 
_atom_sites.entry_id                    1EFM 
_atom_sites.fract_transf_matrix[1][1]   0.00653225 
_atom_sites.fract_transf_matrix[1][2]   -0.00199735 
_atom_sites.fract_transf_matrix[1][3]   0.00749535 
_atom_sites.fract_transf_matrix[2][1]   0.00244648 
_atom_sites.fract_transf_matrix[2][2]   -0.00854311 
_atom_sites.fract_transf_matrix[2][3]   -0.00440868 
_atom_sites.fract_transf_matrix[3][1]   0.00445657 
_atom_sites.fract_transf_matrix[3][2]   0.00288394 
_atom_sites.fract_transf_matrix[3][3]   -0.00311542 
_atom_sites.fract_transf_vector[1]      0.681067 
_atom_sites.fract_transf_vector[2]      0.666659 
_atom_sites.fract_transf_vector[3]      -0.042197 
# 
loop_
_atom_type.symbol 
C  
MG 
N  
O  
P  
# 
loop_
_atom_site.group_PDB 
_atom_site.id 
_atom_site.type_symbol 
_atom_site.label_atom_id 
_atom_site.label_alt_id 
_atom_site.label_comp_id 
_atom_site.label_asym_id 
_atom_site.label_entity_id 
_atom_site.label_seq_id 
_atom_site.pdbx_PDB_ins_code 
_atom_site.Cartn_x 
_atom_site.Cartn_y 
_atom_site.Cartn_z 
_atom_site.occupancy 
_atom_site.B_iso_or_equiv 
_atom_site.pdbx_formal_charge 
_atom_site.auth_seq_id 
_atom_site.auth_comp_id 
_atom_site.auth_asym_id 
_atom_site.auth_atom_id 
_atom_site.pdbx_PDB_model_num 
ATOM   1   C  CA    . VAL A 1 12  ? -7.419  6.222   -12.093 1.00 0.00 ? 12  VAL A CA    1 
ATOM   2   C  CA    . ASN A 1 13  ? -6.270  7.533   -8.756  1.00 0.00 ? 13  ASN A CA    1 
ATOM   3   C  CA    . VAL A 1 14  ? -5.325  5.169   -6.096  1.00 0.00 ? 14  VAL A CA    1 
ATOM   4   C  CA    . GLY A 1 15  ? -4.126  6.305   -2.744  1.00 0.00 ? 15  GLY A CA    1 
ATOM   5   C  CA    . THR A 1 16  ? -2.181  5.039   0.171   1.00 0.00 ? 16  THR A CA    1 
ATOM   6   C  CA    . ILE A 1 17  ? -3.637  3.739   3.475   1.00 0.00 ? 17  ILE A CA    1 
ATOM   7   C  CA    . GLY A 1 18  ? -1.374  1.816   5.816   1.00 0.00 ? 18  GLY A CA    1 
ATOM   8   C  CA    . HIS A 1 19  ? -0.152  1.931   9.374   1.00 0.00 ? 19  HIS A CA    1 
ATOM   9   C  CA    . VAL A 1 20  ? 2.285   4.619   10.540  1.00 0.00 ? 20  VAL A CA    1 
ATOM   10  C  CA    . ASP A 1 21  ? 5.941   4.143   9.727   1.00 0.00 ? 21  ASP A CA    1 
ATOM   11  C  CA    . HIS A 1 22  ? 5.237   1.155   7.513   1.00 0.00 ? 22  HIS A CA    1 
ATOM   12  C  CA    . GLY A 1 23  ? 6.366   3.566   5.134   1.00 0.00 ? 23  GLY A CA    1 
ATOM   13  C  CA    . LYS A 1 24  ? 3.602   4.742   2.926   1.00 0.00 ? 24  LYS A CA    1 
ATOM   14  C  CA    . THR A 1 25  ? 6.020   7.753   2.087   1.00 0.00 ? 25  THR A CA    1 
ATOM   15  C  CA    . THR A 1 26  ? 8.667   5.273   0.973   1.00 0.00 ? 26  THR A CA    1 
ATOM   16  C  CA    . LEU A 1 27  ? 6.213   3.566   -1.449  1.00 0.00 ? 27  LEU A CA    1 
ATOM   17  C  CA    . THR A 1 28  ? 5.047   6.702   -3.323  1.00 0.00 ? 28  THR A CA    1 
ATOM   18  C  CA    . ALA A 1 29  ? 8.562   7.549   -4.448  1.00 0.00 ? 29  ALA A CA    1 
ATOM   19  C  CA    . ALA A 1 30  ? 8.990   4.012   -5.771  1.00 0.00 ? 30  ALA A CA    1 
ATOM   20  C  CA    . ILE A 1 31  ? 6.107   4.093   -8.216  1.00 0.00 ? 31  ILE A CA    1 
ATOM   21  C  CA    . THR A 1 32  ? 7.132   7.538   -9.440  1.00 0.00 ? 32  THR A CA    1 
ATOM   22  C  CA    . THR A 1 33  ? 10.918  7.040   -9.227  1.00 0.00 ? 33  THR A CA    1 
ATOM   23  C  CA    . VAL A 1 34  ? 10.962  3.570   -10.769 1.00 0.00 ? 34  VAL A CA    1 
ATOM   24  C  CA    . LEU A 1 35  ? 8.361   4.283   -13.476 1.00 0.00 ? 35  LEU A CA    1 
ATOM   25  C  CA    . ALA A 1 36  ? 10.064  7.302   -14.936 1.00 0.00 ? 36  ALA A CA    1 
ATOM   26  C  CA    . LYS A 1 37  ? 13.442  5.714   -14.927 1.00 0.00 ? 37  LYS A CA    1 
ATOM   27  C  CA    . THR A 1 38  ? 12.070  2.445   -16.022 1.00 0.00 ? 38  THR A CA    1 
ATOM   28  C  CA    . TYR A 1 39  ? 9.374   3.760   -18.259 1.00 0.00 ? 39  TYR A CA    1 
ATOM   29  C  CA    . THR A 1 47  ? -3.243  16.982  5.216   1.00 0.00 ? 61  THR A CA    1 
ATOM   30  C  CA    . ILE A 1 48  ? -2.178  16.364  1.631   1.00 0.00 ? 62  ILE A CA    1 
ATOM   31  C  CA    . ASN A 1 49  ? 0.314   14.450  -0.475  1.00 0.00 ? 63  ASN A CA    1 
ATOM   32  C  CA    . THR A 1 50  ? -0.310  14.446  -4.229  1.00 0.00 ? 64  THR A CA    1 
ATOM   33  C  CA    . SER A 1 51  ? 1.157   12.312  -6.830  1.00 0.00 ? 65  SER A CA    1 
ATOM   34  C  CA    . HIS A 1 52  ? 1.051   11.861  -10.485 1.00 0.00 ? 66  HIS A CA    1 
ATOM   35  C  CA    . VAL A 1 53  ? 2.974   9.328   -12.205 1.00 0.00 ? 67  VAL A CA    1 
ATOM   36  C  CA    . GLU A 1 54  ? 1.889   8.019   -15.348 1.00 0.00 ? 68  GLU A CA    1 
ATOM   37  C  CA    . TYR A 1 55  ? 2.821   4.759   -15.573 1.00 0.00 ? 69  TYR A CA    1 
ATOM   38  C  CA    . ASP A 1 56  ? 0.873   1.873   -15.712 1.00 0.00 ? 70  ASP A CA    1 
ATOM   39  C  CA    . THR A 1 57  ? 3.480   1.716   -18.134 1.00 0.00 ? 71  THR A CA    1 
ATOM   40  C  CA    . PRO A 1 58  ? 0.541   2.108   -19.816 1.00 0.00 ? 72  PRO A CA    1 
ATOM   41  C  CA    . THR A 1 59  ? -3.000  2.344   -19.652 1.00 0.00 ? 73  THR A CA    1 
ATOM   42  C  CA    . ARG A 1 60  ? -3.090  4.246   -16.355 1.00 0.00 ? 74  ARG A CA    1 
ATOM   43  C  CA    . HIS A 1 61  ? -2.877  7.658   -14.729 1.00 0.00 ? 75  HIS A CA    1 
ATOM   44  C  CA    . TYR A 1 62  ? -2.735  8.040   -10.984 1.00 0.00 ? 76  TYR A CA    1 
ATOM   45  C  CA    . ALA A 1 63  ? -3.246  10.602  -8.331  1.00 0.00 ? 77  ALA A CA    1 
ATOM   46  C  CA    . HIS A 1 64  ? -1.427  9.313   -5.344  1.00 0.00 ? 78  HIS A CA    1 
ATOM   47  C  CA    . VAL A 1 65  ? -2.207  10.767  -2.209  1.00 0.00 ? 79  VAL A CA    1 
ATOM   48  C  CA    . ASP A 1 66  ? -0.314  9.943   0.966   1.00 0.00 ? 80  ASP A CA    1 
ATOM   49  C  CA    . CYS A 1 67  ? -1.305  11.526  4.420   1.00 0.00 ? 81  CYS A CA    1 
ATOM   50  C  CA    . PRO A 1 68  ? 0.843   11.668  7.651   1.00 0.00 ? 82  PRO A CA    1 
ATOM   51  C  CA    . GLY A 1 69  ? -0.719  11.116  11.117  1.00 0.00 ? 83  GLY A CA    1 
ATOM   52  C  CA    . HIS A 1 70  ? -3.845  9.067   11.946  1.00 0.00 ? 84  HIS A CA    1 
ATOM   53  C  CA    . ALA A 1 71  ? -6.715  11.716  11.471  1.00 0.00 ? 85  ALA A CA    1 
ATOM   54  C  CA    . ASP A 1 72  ? -6.120  12.909  7.839   1.00 0.00 ? 86  ASP A CA    1 
ATOM   55  C  CA    . TYR A 1 73  ? -6.894  9.511   6.173   1.00 0.00 ? 87  TYR A CA    1 
ATOM   56  C  CA    . VAL A 1 74  ? -9.492  9.050   8.705   1.00 0.00 ? 88  VAL A CA    1 
ATOM   57  C  CA    . LYS A 1 75  ? -10.838 12.552  8.679   1.00 0.00 ? 89  LYS A CA    1 
ATOM   58  C  CA    . ASN A 1 76  ? -9.903  12.788  5.069   1.00 0.00 ? 90  ASN A CA    1 
ATOM   59  C  CA    . MET A 1 77  ? -11.523 9.458   3.974   1.00 0.00 ? 91  MET A CA    1 
ATOM   60  C  CA    . ILE A 1 78  ? -15.105 10.391  5.147   1.00 0.00 ? 92  ILE A CA    1 
ATOM   61  C  CA    . THR A 1 79  ? -14.959 14.005  3.732   1.00 0.00 ? 93  THR A CA    1 
ATOM   62  C  CA    . GLY A 1 80  ? -15.124 12.987  0.034   1.00 0.00 ? 94  GLY A CA    1 
ATOM   63  C  CA    . ALA A 1 81  ? -11.731 14.446  0.536   1.00 0.00 ? 95  ALA A CA    1 
ATOM   64  C  CA    . ALA A 1 82  ? -10.012 11.399  -0.550  1.00 0.00 ? 96  ALA A CA    1 
ATOM   65  C  CA    . GLN A 1 83  ? -11.387 10.669  -3.796  1.00 0.00 ? 97  GLN A CA    1 
ATOM   66  C  CA    . MET A 1 84  ? -10.273 7.357   -3.897  1.00 0.00 ? 98  MET A CA    1 
ATOM   67  C  CA    . ASP A 1 85  ? -10.492 4.666   -6.418  1.00 0.00 ? 99  ASP A CA    1 
ATOM   68  C  CA    . GLY A 1 86  ? -7.491  2.476   -5.586  1.00 0.00 ? 100 GLY A CA    1 
ATOM   69  C  CA    . ALA A 1 87  ? -6.511  1.197   -2.163  1.00 0.00 ? 101 ALA A CA    1 
ATOM   70  C  CA    . ILE A 1 88  ? -2.879  0.324   -1.462  1.00 0.00 ? 102 ILE A CA    1 
ATOM   71  C  CA    . LEU A 1 89  ? -2.435  -1.109  1.989   1.00 0.00 ? 103 LEU A CA    1 
ATOM   72  C  CA    . VAL A 1 90  ? 1.076   -1.367  3.228   1.00 0.00 ? 104 VAL A CA    1 
ATOM   73  C  CA    . VAL A 1 91  ? 1.856   -3.359  6.290   1.00 0.00 ? 105 VAL A CA    1 
ATOM   74  C  CA    . ALA A 1 92  ? 5.593   -3.488  6.875   1.00 0.00 ? 106 ALA A CA    1 
ATOM   75  C  CA    . ALA A 1 93  ? 7.221   -6.916  6.555   1.00 0.00 ? 107 ALA A CA    1 
ATOM   76  C  CA    . THR A 1 94  ? 6.018   -8.072  9.932   1.00 0.00 ? 108 THR A CA    1 
ATOM   77  C  CA    . ASP A 1 95  ? 7.174   -6.487  13.133  1.00 0.00 ? 109 ASP A CA    1 
ATOM   78  C  CA    . GLY A 1 96  ? 3.593   -7.439  12.648  1.00 0.00 ? 110 GLY A CA    1 
ATOM   79  C  CA    . PRO A 1 97  ? 0.322   -6.059  11.242  1.00 0.00 ? 111 PRO A CA    1 
ATOM   80  C  CA    . MET A 1 98  ? -0.433  -3.804  13.868  1.00 0.00 ? 112 MET A CA    1 
ATOM   81  C  CA    . PRO A 1 99  ? -3.411  -1.662  14.145  1.00 0.00 ? 113 PRO A CA    1 
ATOM   82  C  CA    . GLN A 1 100 ? -5.665  0.685   12.307  1.00 0.00 ? 114 GLN A CA    1 
ATOM   83  C  CA    . THR A 1 101 ? -4.671  -0.884  9.110   1.00 0.00 ? 115 THR A CA    1 
ATOM   84  C  CA    . ARG A 1 102 ? -7.714  -2.441  10.860  1.00 0.00 ? 116 ARG A CA    1 
ATOM   85  C  CA    . GLU A 1 103 ? -8.974  1.104   10.265  1.00 0.00 ? 117 GLU A CA    1 
ATOM   86  C  CA    . HIS A 1 104 ? -9.194  0.406   6.533   1.00 0.00 ? 118 HIS A CA    1 
ATOM   87  C  CA    . ILE A 1 105 ? -12.463 -0.365  8.174   1.00 0.00 ? 119 ILE A CA    1 
ATOM   88  C  CA    . LEU A 1 106 ? -12.672 3.178   7.190   1.00 0.00 ? 120 LEU A CA    1 
ATOM   89  C  CA    . LEU A 1 107 ? -12.127 1.162   3.985   1.00 0.00 ? 121 LEU A CA    1 
ATOM   90  C  CA    . GLY A 1 108 ? -15.408 -0.752  4.319   1.00 0.00 ? 122 GLY A CA    1 
ATOM   91  C  CA    . ARG A 1 109 ? -17.384 2.585   4.491   1.00 0.00 ? 123 ARG A CA    1 
ATOM   92  C  CA    . GLN A 1 110 ? -17.609 3.797   0.999   1.00 0.00 ? 124 GLN A CA    1 
ATOM   93  C  CA    . VAL A 1 111 ? -16.043 2.223   -1.839  1.00 0.00 ? 125 VAL A CA    1 
ATOM   94  C  CA    . GLY A 1 112 ? -12.809 0.496   -1.243  1.00 0.00 ? 126 GLY A CA    1 
ATOM   95  C  CA    . VAL A 1 113 ? -13.008 -1.139  -4.438  1.00 0.00 ? 127 VAL A CA    1 
ATOM   96  C  CA    . PRO A 1 114 ? -10.697 -3.322  -6.134  1.00 0.00 ? 128 PRO A CA    1 
ATOM   97  C  CA    . TYR A 1 115 ? -7.779  -3.047  -4.196  1.00 0.00 ? 129 TYR A CA    1 
ATOM   98  C  CA    . ILE A 1 116 ? -6.485  -3.331  -1.033  1.00 0.00 ? 130 ILE A CA    1 
ATOM   99  C  CA    . ILE A 1 117 ? -3.529  -4.509  -2.984  1.00 0.00 ? 131 ILE A CA    1 
ATOM   100 C  CA    . VAL A 1 118 ? -1.221  -5.431  -0.253  1.00 0.00 ? 132 VAL A CA    1 
ATOM   101 C  CA    . PHE A 1 119 ? 2.284   -4.832  -0.735  1.00 0.00 ? 133 PHE A CA    1 
ATOM   102 C  CA    . LEU A 1 120 ? 4.151   -5.282  2.454   1.00 0.00 ? 134 LEU A CA    1 
ATOM   103 C  CA    . ASN A 1 121 ? 7.201   -3.555  2.964   1.00 0.00 ? 135 ASN A CA    1 
ATOM   104 C  CA    . LYS A 1 122 ? 10.315  -4.461  4.773   1.00 0.00 ? 136 LYS A CA    1 
ATOM   105 C  CA    . CYS A 1 123 ? 11.298  -8.012  3.279   1.00 0.00 ? 137 CYS A CA    1 
ATOM   106 C  CA    . ASP A 1 124 ? 14.754  -6.608  3.129   1.00 0.00 ? 138 ASP A CA    1 
ATOM   107 C  CA    . MET A 1 125 ? 15.271  -7.124  6.728   1.00 0.00 ? 139 MET A CA    1 
ATOM   108 C  CA    . VAL A 1 126 ? 13.724  -10.609 7.121   1.00 0.00 ? 140 VAL A CA    1 
ATOM   109 C  CA    . ASP A 1 127 ? 14.205  -13.958 4.979   1.00 0.00 ? 141 ASP A CA    1 
ATOM   110 C  CA    . ASP A 1 128 ? 11.275  -15.923 6.570   1.00 0.00 ? 142 ASP A CA    1 
ATOM   111 C  CA    . GLU A 1 129 ? 10.118  -19.069 8.443   1.00 0.00 ? 143 GLU A CA    1 
ATOM   112 C  CA    . GLU A 1 130 ? 7.378   -17.413 6.692   1.00 0.00 ? 144 GLU A CA    1 
ATOM   113 C  CA    . LEU A 1 131 ? 7.272   -14.354 8.718   1.00 0.00 ? 145 LEU A CA    1 
ATOM   114 C  CA    . LEU A 1 132 ? 6.850   -12.694 5.380   1.00 0.00 ? 146 LEU A CA    1 
ATOM   115 C  CA    . GLU A 1 133 ? 3.720   -14.822 4.722   1.00 0.00 ? 147 GLU A CA    1 
ATOM   116 C  CA    . LEU A 1 134 ? 2.158   -15.725 8.191   1.00 0.00 ? 148 LEU A CA    1 
ATOM   117 C  CA    . VAL A 1 135 ? 1.757   -12.326 9.763   1.00 0.00 ? 149 VAL A CA    1 
ATOM   118 C  CA    . GLU A 1 136 ? 1.334   -10.685 6.410   1.00 0.00 ? 150 GLU A CA    1 
ATOM   119 C  CA    . MET A 1 137 ? -0.469  -13.285 4.315   1.00 0.00 ? 151 MET A CA    1 
ATOM   120 C  CA    . GLU A 1 138 ? -2.616  -15.125 6.841   1.00 0.00 ? 152 GLU A CA    1 
ATOM   121 C  CA    . VAL A 1 139 ? -3.009  -12.164 9.241   1.00 0.00 ? 153 VAL A CA    1 
ATOM   122 C  CA    . ARG A 1 140 ? -2.893  -9.544  6.455   1.00 0.00 ? 154 ARG A CA    1 
ATOM   123 C  CA    . GLU A 1 141 ? -5.315  -11.718 4.508   1.00 0.00 ? 155 GLU A CA    1 
ATOM   124 C  CA    . LEU A 1 142 ? -7.781  -12.269 7.403   1.00 0.00 ? 156 LEU A CA    1 
ATOM   125 C  CA    . LEU A 1 143 ? -9.089  -8.681  8.007   1.00 0.00 ? 157 LEU A CA    1 
ATOM   126 C  CA    . SER A 1 144 ? -10.039 -8.263  4.342   1.00 0.00 ? 158 SER A CA    1 
ATOM   127 C  CA    . GLN A 1 145 ? -13.144 -10.304 5.111   1.00 0.00 ? 159 GLN A CA    1 
ATOM   128 C  CA    . TYR A 1 146 ? -14.034 -7.388  7.413   1.00 0.00 ? 160 TYR A CA    1 
ATOM   129 C  CA    . ASP A 1 147 ? -15.966 -5.245  4.944   1.00 0.00 ? 161 ASP A CA    1 
ATOM   130 C  CA    . PHE A 1 148 ? -16.788 -8.254  2.855   1.00 0.00 ? 162 PHE A CA    1 
ATOM   131 C  CA    . PRO A 1 149 ? -14.052 -7.807  0.190   1.00 0.00 ? 163 PRO A CA    1 
ATOM   132 C  CA    . GLY A 1 150 ? -12.170 -10.966 -1.091  1.00 0.00 ? 164 GLY A CA    1 
ATOM   133 C  CA    . ASP A 1 151 ? -9.202  -11.672 1.265   1.00 0.00 ? 165 ASP A CA    1 
ATOM   134 C  CA    . ASP A 1 152 ? -7.766  -14.992 -0.224  1.00 0.00 ? 166 ASP A CA    1 
ATOM   135 C  CA    . THR A 1 153 ? -7.429  -13.764 -3.781  1.00 0.00 ? 167 THR A CA    1 
ATOM   136 C  CA    . PRO A 1 154 ? -5.565  -10.706 -2.670  1.00 0.00 ? 168 PRO A CA    1 
ATOM   137 C  CA    . ILE A 1 155 ? -2.969  -8.889  -4.513  1.00 0.00 ? 169 ILE A CA    1 
ATOM   138 C  CA    . VAL A 1 156 ? -0.109  -9.206  -2.117  1.00 0.00 ? 170 VAL A CA    1 
ATOM   139 C  CA    . ARG A 1 157 ? 3.376   -8.373  -3.337  1.00 0.00 ? 171 ARG A CA    1 
ATOM   140 C  CA    . GLY A 1 158 ? 6.535   -8.980  -1.269  1.00 0.00 ? 172 GLY A CA    1 
ATOM   141 C  CA    . SER A 1 159 ? 7.691   -5.441  -0.469  1.00 0.00 ? 173 SER A CA    1 
ATOM   142 C  CA    . ALA A 1 160 ? 11.161  -3.915  -0.415  1.00 0.00 ? 174 ALA A CA    1 
ATOM   143 C  CA    . LEU A 1 161 ? 10.837  -0.157  0.282   1.00 0.00 ? 175 LEU A CA    1 
ATOM   144 C  CA    . LYS A 1 162 ? 13.964  1.904   0.605   1.00 0.00 ? 176 LYS A CA    1 
ATOM   145 C  CA    . ALA A 1 163 ? 15.900  -0.517  -1.558  1.00 0.00 ? 177 ALA A CA    1 
ATOM   146 C  CA    . LEU A 1 164 ? 14.274  0.794   -4.653  1.00 0.00 ? 178 LEU A CA    1 
ATOM   147 C  CA    . GLU A 1 165 ? 15.681  4.267   -4.705  1.00 0.00 ? 179 GLU A CA    1 
ATOM   148 C  CA    . GLY A 1 166 ? 19.248  2.925   -5.271  1.00 0.00 ? 180 GLY A CA    1 
ATOM   149 C  CA    . ASP A 1 167 ? 19.336  -0.633  -3.788  1.00 0.00 ? 181 ASP A CA    1 
ATOM   150 C  CA    . ALA A 1 168 ? 18.877  -4.054  -5.459  1.00 0.00 ? 182 ALA A CA    1 
ATOM   151 C  CA    . GLU A 1 169 ? 17.771  -3.782  -9.109  1.00 0.00 ? 183 GLU A CA    1 
ATOM   152 C  CA    . TRP A 1 170 ? 15.851  -6.879  -8.030  1.00 0.00 ? 184 TRP A CA    1 
ATOM   153 C  CA    . GLU A 1 171 ? 13.664  -4.977  -5.589  1.00 0.00 ? 185 GLU A CA    1 
ATOM   154 C  CA    . ALA A 1 172 ? 12.540  -2.546  -8.243  1.00 0.00 ? 186 ALA A CA    1 
ATOM   155 C  CA    . LYS A 1 173 ? 11.091  -5.557  -9.961  1.00 0.00 ? 187 LYS A CA    1 
ATOM   156 C  CA    . ILE A 1 174 ? 8.978   -6.037  -6.875  1.00 0.00 ? 188 ILE A CA    1 
ATOM   157 C  CA    . LEU A 1 175 ? 7.441   -2.572  -7.220  1.00 0.00 ? 189 LEU A CA    1 
ATOM   158 C  CA    . GLU A 1 176 ? 7.123   -3.412  -10.832 1.00 0.00 ? 190 GLU A CA    1 
HETATM 159 MG MG    . MG  B 2 .   ? 4.117   10.109  5.654   1.00 0.00 ? 394 MG  A MG    1 
HETATM 160 P  PB    . GDP C 3 .   ? 4.706   6.160   7.061   1.00 0.00 ? 395 GDP A PB    1 
HETATM 161 O  O1B   . GDP C 3 .   ? 3.827   6.839   8.025   1.00 0.00 ? 395 GDP A O1B   1 
HETATM 162 O  O2B   . GDP C 3 .   ? 4.199   6.739   5.801   1.00 0.00 ? 395 GDP A O2B   1 
HETATM 163 O  O3B   . GDP C 3 .   ? 3.853   4.991   7.309   1.00 0.00 ? 395 GDP A O3B   1 
HETATM 164 O  O3A   . GDP C 3 .   ? 6.319   5.592   6.916   1.00 0.00 ? 395 GDP A O3A   1 
HETATM 165 P  PA    . GDP C 3 .   ? 7.325   6.253   6.079   1.00 0.00 ? 395 GDP A PA    1 
HETATM 166 O  O1A   . GDP C 3 .   ? 7.147   5.983   4.684   1.00 0.00 ? 395 GDP A O1A   1 
HETATM 167 O  O2A   . GDP C 3 .   ? 7.289   7.630   6.488   1.00 0.00 ? 395 GDP A O2A   1 
HETATM 168 O  "O5'" . GDP C 3 .   ? 8.586   5.585   6.213   1.00 0.00 ? 395 GDP A "O5'" 1 
HETATM 169 C  "C5'" . GDP C 3 .   ? 8.965   4.971   7.496   1.00 0.00 ? 395 GDP A "C5'" 1 
HETATM 170 C  "C4'" . GDP C 3 .   ? 10.296  4.961   7.615   1.00 0.00 ? 395 GDP A "C4'" 1 
HETATM 171 O  "O4'" . GDP C 3 .   ? 10.739  3.639   7.842   1.00 0.00 ? 395 GDP A "O4'" 1 
HETATM 172 C  "C3'" . GDP C 3 .   ? 11.498  5.768   7.166   1.00 0.00 ? 395 GDP A "C3'" 1 
HETATM 173 O  "O3'" . GDP C 3 .   ? 12.193  6.150   8.162   1.00 0.00 ? 395 GDP A "O3'" 1 
HETATM 174 C  "C2'" . GDP C 3 .   ? 11.904  4.646   6.283   1.00 0.00 ? 395 GDP A "C2'" 1 
HETATM 175 O  "O2'" . GDP C 3 .   ? 13.185  5.106   5.860   1.00 0.00 ? 395 GDP A "O2'" 1 
HETATM 176 C  "C1'" . GDP C 3 .   ? 11.853  3.415   7.132   1.00 0.00 ? 395 GDP A "C1'" 1 
HETATM 177 N  N9    . GDP C 3 .   ? 11.541  2.519   6.044   1.00 0.00 ? 395 GDP A N9    1 
HETATM 178 C  C8    . GDP C 3 .   ? 10.597  2.543   5.155   1.00 0.00 ? 395 GDP A C8    1 
HETATM 179 N  N7    . GDP C 3 .   ? 10.548  1.529   4.316   1.00 0.00 ? 395 GDP A N7    1 
HETATM 180 C  C5    . GDP C 3 .   ? 11.508  0.790   4.755   1.00 0.00 ? 395 GDP A C5    1 
HETATM 181 C  C6    . GDP C 3 .   ? 11.924  -0.472  4.245   1.00 0.00 ? 395 GDP A C6    1 
HETATM 182 O  O6    . GDP C 3 .   ? 11.466  -1.165  3.387   1.00 0.00 ? 395 GDP A O6    1 
HETATM 183 N  N1    . GDP C 3 .   ? 12.962  -0.860  4.944   1.00 0.00 ? 395 GDP A N1    1 
HETATM 184 C  C2    . GDP C 3 .   ? 13.569  -0.198  5.967   1.00 0.00 ? 395 GDP A C2    1 
HETATM 185 N  N2    . GDP C 3 .   ? 14.538  -0.697  6.510   1.00 0.00 ? 395 GDP A N2    1 
HETATM 186 N  N3    . GDP C 3 .   ? 13.158  0.977   6.449   1.00 0.00 ? 395 GDP A N3    1 
HETATM 187 C  C4    . GDP C 3 .   ? 12.149  1.365   5.778   1.00 0.00 ? 395 GDP A C4    1 
# 
